data_3GYC
#
_entry.id   3GYC
#
_cell.length_a   60.209
_cell.length_b   84.915
_cell.length_c   77.991
_cell.angle_alpha   90.000
_cell.angle_beta   94.250
_cell.angle_gamma   90.000
#
_symmetry.space_group_name_H-M   'P 1 21 1'
#
loop_
_entity.id
_entity.type
_entity.pdbx_description
1 polymer 'Putative glycoside hydrolase'
2 non-polymer 1,2-ETHANEDIOL
3 water water
#
_entity_poly.entity_id   1
_entity_poly.type   'polypeptide(L)'
_entity_poly.pdbx_seq_one_letter_code
;GAKSE(MSE)AFAGKGEISPRAIT(MSE)WDFSWLERRWPGAGYEDWDQVLDELSERGYNAIRIDAYPHLIAENP(MSE)
KKWLLKEVWNQQDWGSPD(MSE)NEVQVQPNLNLFLSKCKERDIKVGLSSWYRLDVDEVCLKLDTPEKLADCWLTILRSI
EEDGLLDTILYVDLCNEWPGDSWAPFFAKTYPNVGWGNWYKEESLRW(MSE)KTSLEK(MSE)RQVYPD(MSE)PFLYSF
DHGDVKKYEEVDCSFLDLYEHHIW(MSE)AQQNGGEFYKLVGYGYNRFLPDDYKNVVKNAERVYRERPGYWQKLLTDKIE
L(MSE)ASVARKNRRPLVTTECWGLVDYKDWPLLKWDWVKDLCELGTITAARTG(MSE)WVGVATSNFCGPQFAG(MSE)
WRDVEWHKRLTSIIRSSPLDESLTKNNEVAAKLLKRL
;
_entity_poly.pdbx_strand_id   A,B
#
# COMPACT_ATOMS: atom_id res chain seq x y z
N GLU A 13 -0.95 39.85 -16.26
CA GLU A 13 -0.39 38.88 -17.23
C GLU A 13 -1.07 37.55 -16.91
N ILE A 14 -1.11 36.65 -17.87
CA ILE A 14 -1.72 35.33 -17.66
C ILE A 14 -0.65 34.41 -17.09
N SER A 15 -0.98 33.77 -15.98
CA SER A 15 -0.08 32.83 -15.32
C SER A 15 -0.36 31.38 -15.70
N PRO A 16 0.70 30.60 -15.93
CA PRO A 16 0.47 29.20 -16.12
C PRO A 16 -0.10 28.57 -14.85
N ARG A 17 -0.72 27.41 -15.00
CA ARG A 17 -1.20 26.63 -13.88
C ARG A 17 -0.27 25.44 -13.56
N ALA A 18 -0.11 25.18 -12.27
CA ALA A 18 0.67 24.04 -11.80
C ALA A 18 -0.36 22.92 -11.62
N ILE A 19 -0.20 21.92 -12.46
CA ILE A 19 -1.16 20.80 -12.60
C ILE A 19 -0.63 19.47 -12.10
N THR A 20 -1.55 18.62 -11.63
CA THR A 20 -1.21 17.26 -11.29
C THR A 20 -2.28 16.27 -11.88
N TRP A 22 -4.45 13.26 -11.36
CA TRP A 22 -5.10 12.37 -10.39
C TRP A 22 -5.89 11.25 -11.10
N ASP A 23 -5.76 11.21 -12.42
CA ASP A 23 -6.20 10.10 -13.28
C ASP A 23 -7.55 9.50 -12.85
N PHE A 24 -7.59 8.20 -12.60
CA PHE A 24 -8.80 7.53 -12.12
C PHE A 24 -8.66 7.23 -10.60
N SER A 25 -7.52 7.63 -10.00
CA SER A 25 -7.34 7.41 -8.57
C SER A 25 -8.31 8.26 -7.69
N TRP A 26 -8.69 9.45 -8.15
CA TRP A 26 -9.56 10.32 -7.40
C TRP A 26 -10.87 9.63 -7.02
N LEU A 27 -11.36 8.77 -7.92
CA LEU A 27 -12.63 8.09 -7.66
C LEU A 27 -12.38 6.69 -7.08
N GLU A 28 -11.35 5.99 -7.57
CA GLU A 28 -11.11 4.59 -7.20
C GLU A 28 -10.40 4.31 -5.91
N ARG A 29 -9.47 5.19 -5.54
CA ARG A 29 -8.60 4.93 -4.37
C ARG A 29 -9.17 5.48 -3.13
N ARG A 30 -10.31 4.87 -2.76
CA ARG A 30 -11.05 5.36 -1.61
C ARG A 30 -11.41 4.27 -0.59
N TRP A 31 -10.67 3.17 -0.63
CA TRP A 31 -10.71 2.14 0.41
C TRP A 31 -9.75 2.66 1.49
N PRO A 32 -9.75 2.06 2.69
CA PRO A 32 -8.95 2.58 3.81
C PRO A 32 -7.51 2.77 3.48
N GLY A 33 -7.04 4.00 3.70
CA GLY A 33 -5.66 4.36 3.46
C GLY A 33 -5.23 4.48 2.02
N ALA A 34 -6.18 4.42 1.09
CA ALA A 34 -5.82 4.39 -0.35
C ALA A 34 -5.35 5.75 -0.89
N GLY A 35 -5.67 6.82 -0.17
CA GLY A 35 -5.22 8.13 -0.51
C GLY A 35 -6.23 9.19 -0.78
N TYR A 36 -7.39 8.80 -1.32
CA TYR A 36 -8.39 9.75 -1.76
C TYR A 36 -9.75 9.66 -1.10
N GLU A 37 -9.77 9.09 0.11
CA GLU A 37 -10.98 9.00 0.91
C GLU A 37 -11.59 10.36 1.27
N ASP A 38 -10.76 11.31 1.67
CA ASP A 38 -11.22 12.65 2.08
C ASP A 38 -10.75 13.67 1.06
N TRP A 39 -11.61 13.98 0.10
CA TRP A 39 -11.26 14.92 -0.95
C TRP A 39 -10.93 16.32 -0.46
N ASP A 40 -11.60 16.79 0.57
CA ASP A 40 -11.27 18.11 1.17
C ASP A 40 -9.88 18.12 1.72
N GLN A 41 -9.52 17.08 2.45
CA GLN A 41 -8.17 17.03 3.01
CA GLN A 41 -8.18 16.97 3.01
C GLN A 41 -7.11 16.98 1.92
N VAL A 42 -7.29 16.12 0.90
CA VAL A 42 -6.23 16.02 -0.13
C VAL A 42 -6.20 17.24 -1.07
N LEU A 43 -7.36 17.87 -1.30
CA LEU A 43 -7.39 19.10 -2.08
C LEU A 43 -6.75 20.27 -1.24
N ASP A 44 -6.88 20.28 0.07
CA ASP A 44 -6.22 21.31 0.91
C ASP A 44 -4.70 21.08 0.82
N GLU A 45 -4.26 19.82 0.87
CA GLU A 45 -2.84 19.45 0.76
C GLU A 45 -2.25 19.83 -0.59
N LEU A 46 -3.01 19.59 -1.63
CA LEU A 46 -2.68 19.96 -2.97
C LEU A 46 -2.47 21.50 -3.06
N SER A 47 -3.41 22.27 -2.55
CA SER A 47 -3.28 23.76 -2.57
C SER A 47 -2.11 24.25 -1.75
N GLU A 48 -1.90 23.65 -0.59
CA GLU A 48 -0.77 23.98 0.31
C GLU A 48 0.56 23.79 -0.46
N ARG A 49 0.61 22.79 -1.33
CA ARG A 49 1.79 22.54 -2.15
C ARG A 49 1.87 23.51 -3.34
N GLY A 50 0.79 24.26 -3.61
CA GLY A 50 0.78 25.29 -4.66
C GLY A 50 0.24 24.87 -6.01
N TYR A 51 -0.33 23.66 -6.10
CA TYR A 51 -0.94 23.21 -7.35
C TYR A 51 -2.32 23.86 -7.44
N ASN A 52 -2.72 24.27 -8.64
CA ASN A 52 -4.03 24.86 -8.87
C ASN A 52 -4.79 24.29 -10.08
N ALA A 53 -4.38 23.10 -10.52
CA ALA A 53 -5.08 22.38 -11.59
C ALA A 53 -4.89 20.86 -11.38
N ILE A 54 -5.85 20.07 -11.83
CA ILE A 54 -5.81 18.62 -11.76
C ILE A 54 -6.35 18.07 -13.07
N ARG A 55 -5.72 17.01 -13.56
CA ARG A 55 -6.19 16.28 -14.74
C ARG A 55 -6.84 14.99 -14.22
N ILE A 56 -8.12 14.75 -14.53
CA ILE A 56 -8.76 13.57 -14.03
C ILE A 56 -9.46 12.81 -15.14
N ASP A 57 -9.72 11.55 -14.84
CA ASP A 57 -10.56 10.73 -15.71
C ASP A 57 -12.02 11.07 -15.38
N ALA A 58 -12.79 11.42 -16.43
CA ALA A 58 -14.22 11.79 -16.30
C ALA A 58 -15.15 10.56 -16.47
N TYR A 59 -14.57 9.41 -16.87
CA TYR A 59 -15.35 8.16 -17.12
C TYR A 59 -16.60 8.47 -17.97
N PRO A 60 -16.41 9.15 -19.12
CA PRO A 60 -17.54 9.59 -19.97
C PRO A 60 -18.39 8.44 -20.49
N HIS A 61 -17.72 7.35 -20.84
CA HIS A 61 -18.38 6.13 -21.27
C HIS A 61 -19.38 5.57 -20.24
N LEU A 62 -19.02 5.61 -18.98
CA LEU A 62 -19.88 5.14 -17.91
C LEU A 62 -21.00 6.15 -17.66
N ILE A 63 -20.68 7.45 -17.63
CA ILE A 63 -21.70 8.45 -17.40
C ILE A 63 -22.74 8.44 -18.52
N ALA A 64 -22.32 8.17 -19.77
CA ALA A 64 -23.23 8.18 -20.91
C ALA A 64 -24.12 6.94 -20.91
N GLU A 65 -23.66 5.85 -20.32
CA GLU A 65 -24.48 4.63 -20.25
C GLU A 65 -25.45 4.70 -19.10
N ASN A 66 -24.94 4.89 -17.89
CA ASN A 66 -25.78 5.00 -16.70
C ASN A 66 -25.04 5.77 -15.60
N PRO A 67 -25.31 7.09 -15.49
CA PRO A 67 -24.54 7.94 -14.59
C PRO A 67 -24.55 7.56 -13.12
N LYS A 69 -25.22 4.41 -11.89
CA LYS A 69 -24.94 3.00 -11.69
C LYS A 69 -23.67 2.76 -10.86
N LYS A 70 -23.68 1.74 -9.99
CA LYS A 70 -22.43 1.37 -9.30
C LYS A 70 -21.77 0.36 -10.25
N TRP A 71 -20.67 0.76 -10.87
CA TRP A 71 -19.94 -0.07 -11.83
C TRP A 71 -18.81 -0.90 -11.24
N LEU A 72 -18.71 -2.15 -11.66
CA LEU A 72 -17.65 -3.06 -11.27
C LEU A 72 -16.53 -2.98 -12.32
N LEU A 73 -15.34 -2.50 -11.91
CA LEU A 73 -14.22 -2.32 -12.83
C LEU A 73 -13.18 -3.41 -12.66
N LYS A 74 -12.59 -3.86 -13.78
CA LYS A 74 -11.50 -4.84 -13.75
C LYS A 74 -10.21 -4.08 -13.64
N GLU A 75 -9.22 -4.58 -12.91
CA GLU A 75 -7.98 -3.82 -12.74
C GLU A 75 -7.14 -3.79 -14.03
N VAL A 76 -6.42 -2.69 -14.19
CA VAL A 76 -5.47 -2.53 -15.29
C VAL A 76 -4.16 -3.24 -14.93
N TRP A 77 -3.80 -3.21 -13.65
CA TRP A 77 -2.53 -3.76 -13.14
C TRP A 77 -2.62 -3.99 -11.65
N ASN A 78 -1.68 -4.75 -11.13
CA ASN A 78 -1.57 -4.86 -9.70
C ASN A 78 -0.16 -4.39 -9.26
N GLN A 79 0.66 -3.99 -10.22
CA GLN A 79 2.03 -3.55 -9.93
C GLN A 79 2.18 -2.05 -9.67
N GLN A 80 1.18 -1.26 -10.05
CA GLN A 80 1.26 0.22 -9.85
C GLN A 80 0.27 0.72 -8.83
N ASP A 81 0.50 1.94 -8.32
CA ASP A 81 -0.39 2.54 -7.31
C ASP A 81 -1.38 3.62 -7.82
N TRP A 82 -1.57 3.70 -9.13
CA TRP A 82 -2.61 4.54 -9.69
C TRP A 82 -3.84 3.63 -9.72
N GLY A 83 -4.96 4.16 -9.31
CA GLY A 83 -6.19 3.38 -9.34
C GLY A 83 -6.19 2.10 -8.53
N SER A 84 -6.91 1.09 -9.02
CA SER A 84 -7.18 -0.13 -8.27
C SER A 84 -6.31 -1.33 -8.65
N PRO A 85 -5.75 -2.04 -7.65
CA PRO A 85 -4.91 -3.20 -7.91
C PRO A 85 -5.72 -4.47 -8.03
N ASP A 86 -7.05 -4.34 -7.99
CA ASP A 86 -7.95 -5.51 -8.06
C ASP A 86 -9.33 -4.95 -8.43
N ASN A 88 -12.92 -3.33 -8.37
CA ASN A 88 -13.39 -2.24 -7.55
C ASN A 88 -14.72 -1.75 -8.10
N GLU A 89 -15.47 -1.04 -7.28
CA GLU A 89 -16.79 -0.53 -7.68
C GLU A 89 -16.79 0.95 -7.57
N VAL A 90 -17.28 1.63 -8.60
CA VAL A 90 -17.41 3.08 -8.54
C VAL A 90 -18.77 3.55 -9.04
N GLN A 91 -19.20 4.70 -8.52
CA GLN A 91 -20.40 5.40 -8.97
C GLN A 91 -19.89 6.79 -9.38
N VAL A 92 -20.01 7.10 -10.66
CA VAL A 92 -19.34 8.29 -11.23
C VAL A 92 -20.07 9.60 -10.92
N GLN A 93 -21.39 9.62 -11.02
CA GLN A 93 -22.17 10.80 -10.64
C GLN A 93 -23.08 10.41 -9.49
N PRO A 94 -23.30 11.33 -8.54
CA PRO A 94 -22.82 12.74 -8.46
C PRO A 94 -21.37 12.96 -7.98
N ASN A 95 -20.62 11.90 -7.72
CA ASN A 95 -19.21 12.02 -7.28
C ASN A 95 -18.35 12.96 -8.11
N LEU A 96 -18.51 12.94 -9.44
CA LEU A 96 -17.73 13.83 -10.28
C LEU A 96 -18.09 15.27 -10.01
N ASN A 97 -19.38 15.57 -10.02
CA ASN A 97 -19.80 16.94 -9.76
C ASN A 97 -19.44 17.41 -8.33
N LEU A 98 -19.48 16.47 -7.38
CA LEU A 98 -19.05 16.77 -5.99
C LEU A 98 -17.59 17.15 -5.97
N PHE A 99 -16.75 16.32 -6.59
CA PHE A 99 -15.34 16.58 -6.70
C PHE A 99 -15.05 17.91 -7.41
N LEU A 100 -15.75 18.17 -8.51
CA LEU A 100 -15.59 19.43 -9.26
C LEU A 100 -15.98 20.61 -8.42
N SER A 101 -17.05 20.49 -7.60
CA SER A 101 -17.45 21.59 -6.72
CA SER A 101 -17.46 21.59 -6.73
C SER A 101 -16.39 21.94 -5.70
N LYS A 102 -15.70 20.92 -5.20
CA LYS A 102 -14.64 21.13 -4.22
C LYS A 102 -13.43 21.83 -4.89
N CYS A 103 -13.18 21.47 -6.15
CA CYS A 103 -12.17 22.17 -6.94
C CYS A 103 -12.52 23.63 -7.14
N LYS A 104 -13.76 23.91 -7.51
CA LYS A 104 -14.23 25.28 -7.75
C LYS A 104 -14.08 26.15 -6.53
N GLU A 105 -14.44 25.59 -5.39
CA GLU A 105 -14.39 26.28 -4.12
C GLU A 105 -12.97 26.79 -3.82
N ARG A 106 -11.97 26.08 -4.33
CA ARG A 106 -10.57 26.37 -4.07
C ARG A 106 -9.85 26.95 -5.31
N ASP A 107 -10.61 27.41 -6.31
CA ASP A 107 -10.04 27.91 -7.58
C ASP A 107 -9.05 26.95 -8.22
N ILE A 108 -9.37 25.67 -8.22
CA ILE A 108 -8.55 24.65 -8.88
C ILE A 108 -9.34 24.37 -10.16
N LYS A 109 -8.65 24.44 -11.29
CA LYS A 109 -9.25 24.16 -12.59
C LYS A 109 -8.96 22.69 -12.95
N VAL A 110 -9.84 22.09 -13.72
CA VAL A 110 -9.75 20.66 -14.02
C VAL A 110 -9.74 20.31 -15.50
N GLY A 111 -8.72 19.59 -15.92
CA GLY A 111 -8.64 19.06 -17.25
C GLY A 111 -9.27 17.66 -17.23
N LEU A 112 -10.15 17.40 -18.20
CA LEU A 112 -10.76 16.09 -18.29
C LEU A 112 -10.07 15.26 -19.35
N SER A 113 -9.92 13.99 -19.05
CA SER A 113 -9.39 13.01 -19.99
C SER A 113 -10.11 11.70 -19.69
N SER A 114 -9.67 10.62 -20.32
CA SER A 114 -10.13 9.27 -19.94
C SER A 114 -9.15 8.21 -20.37
N TRP A 115 -9.07 7.20 -19.52
CA TRP A 115 -8.33 5.96 -19.76
C TRP A 115 -9.33 4.84 -20.13
N TYR A 116 -10.62 5.19 -20.24
CA TYR A 116 -11.69 4.24 -20.62
C TYR A 116 -11.60 2.91 -19.84
N ARG A 117 -11.69 3.04 -18.53
CA ARG A 117 -11.57 1.93 -17.60
C ARG A 117 -12.56 0.87 -18.00
N LEU A 118 -12.09 -0.36 -18.03
CA LEU A 118 -12.95 -1.49 -18.40
C LEU A 118 -13.81 -1.96 -17.25
N ASP A 119 -15.12 -1.83 -17.42
CA ASP A 119 -16.07 -2.37 -16.49
C ASP A 119 -16.29 -3.82 -16.95
N VAL A 120 -16.96 -4.63 -16.15
CA VAL A 120 -17.15 -6.03 -16.53
C VAL A 120 -17.93 -6.22 -17.87
N ASP A 121 -18.74 -5.25 -18.24
CA ASP A 121 -19.45 -5.31 -19.51
C ASP A 121 -18.75 -4.56 -20.65
N GLU A 122 -17.57 -4.05 -20.36
CA GLU A 122 -16.73 -3.38 -21.33
C GLU A 122 -17.52 -2.42 -22.21
N VAL A 123 -18.22 -1.47 -21.60
CA VAL A 123 -19.09 -0.58 -22.36
C VAL A 123 -18.34 0.37 -23.35
N CYS A 124 -17.06 0.62 -23.10
CA CYS A 124 -16.33 1.51 -24.00
C CYS A 124 -16.13 0.97 -25.39
N LEU A 125 -16.22 -0.35 -25.59
CA LEU A 125 -16.02 -0.95 -26.90
C LEU A 125 -17.12 -0.53 -27.91
N LYS A 126 -18.24 0.00 -27.41
CA LYS A 126 -19.33 0.46 -28.25
C LYS A 126 -19.00 1.78 -28.98
N LEU A 127 -18.05 2.52 -28.47
CA LEU A 127 -17.66 3.81 -29.03
C LEU A 127 -16.75 3.61 -30.24
N ASP A 128 -17.27 2.95 -31.26
CA ASP A 128 -16.44 2.55 -32.39
C ASP A 128 -16.41 3.49 -33.59
N THR A 129 -16.96 4.70 -33.43
CA THR A 129 -16.88 5.72 -34.48
C THR A 129 -16.54 7.04 -33.76
N PRO A 130 -15.90 8.00 -34.47
CA PRO A 130 -15.62 9.29 -33.80
C PRO A 130 -16.91 10.01 -33.39
N GLU A 131 -18.00 9.78 -34.13
CA GLU A 131 -19.28 10.40 -33.80
C GLU A 131 -19.84 9.85 -32.50
N LYS A 132 -19.68 8.55 -32.31
CA LYS A 132 -20.14 7.93 -31.07
C LYS A 132 -19.35 8.42 -29.88
N LEU A 133 -18.03 8.56 -30.08
CA LEU A 133 -17.14 9.01 -29.02
C LEU A 133 -17.52 10.44 -28.62
N ALA A 134 -17.80 11.28 -29.62
CA ALA A 134 -18.15 12.66 -29.35
C ALA A 134 -19.50 12.74 -28.66
N ASP A 135 -20.46 11.92 -29.09
CA ASP A 135 -21.78 11.97 -28.45
C ASP A 135 -21.64 11.64 -26.96
N CYS A 136 -20.74 10.75 -26.66
CA CYS A 136 -20.48 10.36 -25.30
C CYS A 136 -19.90 11.52 -24.46
N TRP A 137 -18.92 12.23 -25.00
CA TRP A 137 -18.40 13.40 -24.31
C TRP A 137 -19.40 14.56 -24.22
N LEU A 138 -20.23 14.75 -25.25
CA LEU A 138 -21.27 15.76 -25.19
C LEU A 138 -22.21 15.46 -24.00
N THR A 139 -22.49 14.19 -23.74
CA THR A 139 -23.33 13.82 -22.61
C THR A 139 -22.66 14.17 -21.27
N ILE A 140 -21.39 13.83 -21.11
CA ILE A 140 -20.67 14.08 -19.85
C ILE A 140 -20.60 15.61 -19.62
N LEU A 141 -20.33 16.36 -20.68
CA LEU A 141 -20.23 17.83 -20.53
C LEU A 141 -21.55 18.42 -20.09
N ARG A 142 -22.68 17.91 -20.61
CA ARG A 142 -24.02 18.37 -20.20
C ARG A 142 -24.27 17.99 -18.72
N SER A 143 -23.80 16.82 -18.27
CA SER A 143 -23.94 16.43 -16.84
C SER A 143 -23.21 17.42 -15.92
N ILE A 144 -22.08 17.96 -16.38
CA ILE A 144 -21.29 18.94 -15.62
C ILE A 144 -21.98 20.29 -15.67
N GLU A 145 -22.47 20.66 -16.85
CA GLU A 145 -23.13 21.94 -17.00
C GLU A 145 -24.47 21.97 -16.18
N GLU A 146 -25.05 20.80 -15.89
CA GLU A 146 -26.32 20.74 -15.11
C GLU A 146 -26.13 21.41 -13.73
N ASP A 147 -24.95 21.22 -13.13
CA ASP A 147 -24.67 21.81 -11.82
C ASP A 147 -23.86 23.09 -11.92
N GLY A 148 -23.80 23.67 -13.11
CA GLY A 148 -23.11 24.95 -13.34
C GLY A 148 -21.60 24.92 -13.09
N LEU A 149 -20.93 23.84 -13.47
CA LEU A 149 -19.51 23.65 -13.19
C LEU A 149 -18.65 23.69 -14.43
N LEU A 150 -19.18 24.08 -15.60
CA LEU A 150 -18.37 23.98 -16.81
C LEU A 150 -17.16 24.93 -16.78
N ASP A 151 -17.30 26.08 -16.12
CA ASP A 151 -16.17 27.03 -16.02
C ASP A 151 -14.98 26.50 -15.20
N THR A 152 -15.19 25.41 -14.47
CA THR A 152 -14.10 24.76 -13.73
C THR A 152 -13.24 23.87 -14.64
N ILE A 153 -13.77 23.51 -15.82
CA ILE A 153 -13.08 22.66 -16.73
C ILE A 153 -12.14 23.51 -17.59
N LEU A 154 -10.89 23.06 -17.62
CA LEU A 154 -9.82 23.77 -18.30
C LEU A 154 -9.69 23.35 -19.75
N TYR A 155 -9.80 22.06 -19.98
CA TYR A 155 -9.71 21.49 -21.31
C TYR A 155 -10.32 20.12 -21.30
N VAL A 156 -10.59 19.58 -22.50
CA VAL A 156 -11.13 18.26 -22.63
C VAL A 156 -10.27 17.50 -23.60
N ASP A 157 -9.74 16.39 -23.11
CA ASP A 157 -8.88 15.46 -23.87
C ASP A 157 -9.70 14.20 -24.10
N LEU A 158 -9.89 13.83 -25.36
CA LEU A 158 -10.76 12.69 -25.68
C LEU A 158 -10.17 11.34 -25.40
N CYS A 159 -8.85 11.26 -25.20
CA CYS A 159 -8.24 9.99 -24.85
C CYS A 159 -6.78 10.08 -24.44
N ASN A 160 -6.48 9.62 -23.22
CA ASN A 160 -5.11 9.50 -22.77
C ASN A 160 -4.26 8.71 -23.73
N GLU A 161 -3.10 9.27 -24.12
CA GLU A 161 -2.10 8.55 -24.93
C GLU A 161 -2.66 7.87 -26.15
N TRP A 162 -3.44 8.67 -26.89
CA TRP A 162 -4.00 8.23 -28.15
C TRP A 162 -2.88 7.84 -29.14
N PRO A 163 -3.06 6.75 -29.89
CA PRO A 163 -4.21 5.85 -29.88
C PRO A 163 -3.88 4.48 -29.29
N GLY A 164 -3.15 4.44 -28.18
CA GLY A 164 -2.77 3.17 -27.55
C GLY A 164 -3.95 2.22 -27.28
N ASP A 165 -3.82 0.96 -27.66
CA ASP A 165 -4.93 0.02 -27.47
C ASP A 165 -5.34 -0.26 -26.00
N SER A 166 -4.48 0.04 -25.04
CA SER A 166 -4.86 -0.11 -23.64
C SER A 166 -5.98 0.85 -23.29
N TRP A 167 -5.97 2.02 -23.91
CA TRP A 167 -6.96 3.05 -23.58
C TRP A 167 -8.05 3.19 -24.64
N ALA A 168 -7.69 2.94 -25.91
CA ALA A 168 -8.63 3.08 -27.03
C ALA A 168 -8.77 1.77 -27.82
N PRO A 169 -9.30 0.72 -27.16
CA PRO A 169 -9.53 -0.56 -27.86
C PRO A 169 -10.64 -0.47 -28.91
N PHE A 170 -11.55 0.47 -28.71
CA PHE A 170 -12.63 0.75 -29.65
C PHE A 170 -12.09 1.30 -30.97
N PHE A 171 -10.88 1.83 -30.96
CA PHE A 171 -10.26 2.35 -32.16
C PHE A 171 -9.32 1.29 -32.71
N ALA A 172 -8.48 0.75 -31.83
CA ALA A 172 -7.48 -0.25 -32.19
C ALA A 172 -8.10 -1.50 -32.81
N LYS A 173 -9.31 -1.86 -32.39
CA LYS A 173 -10.01 -2.99 -33.00
C LYS A 173 -10.26 -2.70 -34.48
N THR A 174 -10.79 -1.51 -34.80
CA THR A 174 -11.07 -1.19 -36.20
C THR A 174 -9.82 -0.92 -37.02
N TYR A 175 -8.83 -0.26 -36.42
CA TYR A 175 -7.61 0.08 -37.13
C TYR A 175 -6.37 -0.51 -36.50
N PRO A 176 -6.22 -1.84 -36.60
CA PRO A 176 -5.08 -2.54 -35.99
C PRO A 176 -3.74 -2.13 -36.62
N ASN A 177 -3.79 -1.67 -37.87
CA ASN A 177 -2.60 -1.24 -38.61
C ASN A 177 -1.99 0.12 -38.22
N VAL A 178 -2.64 0.85 -37.31
CA VAL A 178 -2.08 2.13 -36.86
C VAL A 178 -1.00 1.84 -35.81
N GLY A 179 -1.33 1.02 -34.81
CA GLY A 179 -0.38 0.63 -33.77
C GLY A 179 -0.20 1.63 -32.65
N TRP A 180 0.32 1.15 -31.52
CA TRP A 180 0.53 1.96 -30.31
C TRP A 180 1.28 3.27 -30.61
N GLY A 181 0.71 4.37 -30.12
CA GLY A 181 1.35 5.67 -30.23
C GLY A 181 1.40 6.39 -31.55
N ASN A 182 1.00 5.75 -32.66
CA ASN A 182 1.06 6.41 -33.99
C ASN A 182 -0.13 7.30 -34.32
N TRP A 183 -0.29 8.34 -33.51
CA TRP A 183 -1.41 9.26 -33.63
C TRP A 183 -1.44 9.98 -34.96
N TYR A 184 -0.28 10.12 -35.59
CA TYR A 184 -0.14 10.87 -36.84
C TYR A 184 -0.54 10.12 -38.10
N LYS A 185 -0.85 8.82 -38.01
CA LYS A 185 -1.28 8.04 -39.19
C LYS A 185 -2.65 8.55 -39.65
N GLU A 186 -2.94 8.43 -40.94
CA GLU A 186 -4.16 9.00 -41.54
C GLU A 186 -5.47 8.60 -40.86
N GLU A 187 -5.61 7.34 -40.48
CA GLU A 187 -6.86 6.87 -39.85
C GLU A 187 -7.09 7.58 -38.52
N SER A 188 -6.00 7.83 -37.79
CA SER A 188 -6.06 8.50 -36.50
C SER A 188 -6.44 9.97 -36.66
N LEU A 189 -5.71 10.65 -37.53
CA LEU A 189 -5.97 12.06 -37.82
C LEU A 189 -7.42 12.29 -38.22
N ARG A 190 -7.97 11.41 -39.05
CA ARG A 190 -9.34 11.54 -39.54
C ARG A 190 -10.36 11.37 -38.43
N TRP A 191 -10.15 10.37 -37.60
CA TRP A 191 -11.00 10.13 -36.46
C TRP A 191 -11.01 11.34 -35.53
N LYS A 193 -10.16 14.41 -36.08
CA LYS A 193 -10.74 15.59 -36.71
C LYS A 193 -12.28 15.53 -36.67
N THR A 194 -12.87 14.41 -37.08
CA THR A 194 -14.33 14.24 -37.04
C THR A 194 -14.93 14.38 -35.64
N SER A 195 -14.26 13.83 -34.63
CA SER A 195 -14.78 13.90 -33.26
C SER A 195 -14.78 15.31 -32.74
N LEU A 196 -13.68 16.03 -32.95
CA LEU A 196 -13.61 17.40 -32.48
C LEU A 196 -14.55 18.35 -33.22
N GLU A 197 -14.86 18.08 -34.48
CA GLU A 197 -15.84 18.89 -35.20
C GLU A 197 -17.19 18.78 -34.52
N LYS A 198 -17.56 17.55 -34.16
CA LYS A 198 -18.84 17.29 -33.50
C LYS A 198 -18.83 18.05 -32.14
N ARG A 200 -17.24 20.82 -31.22
CA ARG A 200 -17.31 22.26 -31.43
C ARG A 200 -18.64 22.79 -31.94
N GLN A 201 -19.50 21.92 -32.45
CA GLN A 201 -20.85 22.32 -32.85
C GLN A 201 -21.65 22.71 -31.61
N VAL A 202 -21.25 22.18 -30.46
CA VAL A 202 -21.91 22.45 -29.21
C VAL A 202 -21.05 23.36 -28.28
N TYR A 203 -19.74 23.10 -28.22
CA TYR A 203 -18.84 23.87 -27.34
C TYR A 203 -17.70 24.46 -28.13
N PRO A 204 -17.99 25.47 -28.98
CA PRO A 204 -16.94 26.03 -29.86
C PRO A 204 -15.75 26.67 -29.14
N ASP A 205 -15.96 27.16 -27.92
CA ASP A 205 -14.91 27.84 -27.17
C ASP A 205 -14.14 26.97 -26.16
N PRO A 207 -11.35 24.29 -25.14
CA PRO A 207 -10.14 23.72 -25.75
C PRO A 207 -10.23 22.21 -25.77
N PHE A 208 -10.14 21.63 -26.97
CA PHE A 208 -10.20 20.19 -27.17
C PHE A 208 -8.91 19.66 -27.76
N LEU A 209 -8.57 18.45 -27.38
CA LEU A 209 -7.37 17.76 -27.89
C LEU A 209 -7.47 16.27 -27.65
N TYR A 210 -6.43 15.55 -28.09
CA TYR A 210 -6.16 14.17 -27.71
C TYR A 210 -4.71 14.21 -27.22
N SER A 211 -4.39 13.49 -26.13
CA SER A 211 -3.04 13.51 -25.58
C SER A 211 -2.19 12.36 -26.13
N PHE A 212 -0.90 12.65 -26.30
CA PHE A 212 0.04 11.75 -26.90
C PHE A 212 1.32 11.49 -26.07
N ASP A 213 1.92 10.31 -26.28
CA ASP A 213 3.20 9.96 -25.68
C ASP A 213 4.28 9.59 -26.73
N HIS A 214 3.92 9.58 -28.02
CA HIS A 214 4.89 9.27 -29.07
C HIS A 214 6.08 10.23 -28.99
N GLY A 215 7.28 9.67 -28.98
CA GLY A 215 8.52 10.45 -28.74
C GLY A 215 9.00 11.39 -29.82
N ASP A 216 8.53 11.18 -31.04
CA ASP A 216 8.93 11.98 -32.17
C ASP A 216 8.03 13.20 -32.27
N VAL A 217 8.35 14.21 -31.49
CA VAL A 217 7.52 15.40 -31.41
C VAL A 217 7.51 16.24 -32.69
N LYS A 218 8.44 16.00 -33.61
CA LYS A 218 8.44 16.68 -34.88
C LYS A 218 7.22 16.31 -35.74
N LYS A 219 6.48 15.23 -35.43
CA LYS A 219 5.29 14.89 -36.25
C LYS A 219 4.23 15.97 -36.17
N TYR A 220 4.18 16.67 -35.04
CA TYR A 220 3.24 17.76 -34.95
C TYR A 220 3.46 18.72 -36.14
N GLU A 221 4.71 18.89 -36.58
CA GLU A 221 5.02 19.77 -37.72
C GLU A 221 4.80 19.11 -39.10
N GLU A 222 4.96 17.80 -39.16
CA GLU A 222 4.88 17.10 -40.44
C GLU A 222 3.48 16.74 -40.91
N VAL A 223 2.47 16.88 -40.04
CA VAL A 223 1.10 16.52 -40.37
CA VAL A 223 1.09 16.53 -40.40
C VAL A 223 0.14 17.63 -39.96
N ASP A 224 -1.03 17.73 -40.63
CA ASP A 224 -2.02 18.75 -40.27
C ASP A 224 -2.79 18.29 -39.02
N CYS A 225 -2.48 18.90 -37.89
CA CYS A 225 -3.15 18.59 -36.64
C CYS A 225 -3.58 19.92 -36.00
N SER A 226 -3.89 20.87 -36.89
CA SER A 226 -4.30 22.21 -36.51
C SER A 226 -5.60 22.17 -35.71
N PHE A 227 -6.38 21.10 -35.88
CA PHE A 227 -7.65 20.88 -35.15
C PHE A 227 -7.47 20.63 -33.64
N LEU A 228 -6.22 20.51 -33.18
CA LEU A 228 -5.94 20.39 -31.75
C LEU A 228 -5.76 21.80 -31.20
N ASP A 229 -6.41 22.11 -30.10
CA ASP A 229 -6.35 23.47 -29.48
C ASP A 229 -5.10 23.63 -28.60
N LEU A 230 -4.55 22.51 -28.16
CA LEU A 230 -3.36 22.45 -27.33
C LEU A 230 -2.72 21.07 -27.46
N TYR A 231 -1.50 20.90 -26.98
CA TYR A 231 -0.88 19.61 -27.01
C TYR A 231 -0.62 19.23 -25.54
N GLU A 232 -1.01 18.01 -25.18
CA GLU A 232 -0.75 17.46 -23.84
C GLU A 232 0.22 16.33 -24.14
N HIS A 233 1.52 16.54 -23.91
CA HIS A 233 2.51 15.57 -24.32
C HIS A 233 3.23 15.01 -23.10
N HIS A 234 3.33 13.68 -23.06
CA HIS A 234 3.94 13.00 -21.93
C HIS A 234 5.42 12.78 -22.22
N ILE A 235 6.28 13.20 -21.28
CA ILE A 235 7.73 13.21 -21.50
C ILE A 235 8.47 12.67 -20.29
N TRP A 236 9.17 11.57 -20.48
CA TRP A 236 10.01 10.99 -19.44
C TRP A 236 11.42 10.69 -19.93
N ALA A 238 13.27 8.36 -18.86
CA ALA A 238 13.36 6.92 -18.97
C ALA A 238 13.02 6.38 -20.36
N GLN A 239 12.23 7.12 -21.14
CA GLN A 239 11.80 6.69 -22.50
C GLN A 239 12.63 7.28 -23.65
N GLN A 240 13.52 8.23 -23.33
CA GLN A 240 14.32 8.86 -24.35
C GLN A 240 15.30 7.89 -24.97
N ASN A 241 15.74 8.23 -26.18
CA ASN A 241 16.69 7.42 -26.95
C ASN A 241 16.23 5.96 -27.08
N GLY A 242 14.97 5.80 -27.53
CA GLY A 242 14.36 4.49 -27.73
C GLY A 242 14.23 3.69 -26.45
N GLY A 243 14.05 4.40 -25.34
CA GLY A 243 13.90 3.79 -24.04
C GLY A 243 15.17 3.20 -23.49
N GLU A 244 16.29 3.88 -23.75
CA GLU A 244 17.61 3.41 -23.35
C GLU A 244 17.71 3.10 -21.86
N PHE A 245 17.28 4.02 -21.03
CA PHE A 245 17.33 3.83 -19.59
C PHE A 245 16.67 2.49 -19.15
N TYR A 246 15.45 2.27 -19.61
CA TYR A 246 14.72 1.08 -19.22
C TYR A 246 15.32 -0.20 -19.82
N LYS A 247 15.91 -0.11 -21.01
CA LYS A 247 16.58 -1.27 -21.62
C LYS A 247 17.77 -1.65 -20.75
N LEU A 248 18.48 -0.64 -20.25
CA LEU A 248 19.59 -0.89 -19.35
C LEU A 248 19.16 -1.48 -17.99
N VAL A 249 18.10 -0.92 -17.41
CA VAL A 249 17.59 -1.31 -16.11
C VAL A 249 16.93 -2.67 -16.15
N GLY A 250 16.27 -2.98 -17.25
CA GLY A 250 15.51 -4.21 -17.38
C GLY A 250 14.04 -4.04 -16.97
N TYR A 251 13.44 -2.90 -17.28
CA TYR A 251 12.04 -2.61 -16.95
C TYR A 251 11.15 -2.67 -18.20
N GLY A 252 10.09 -3.48 -18.17
CA GLY A 252 9.21 -3.67 -19.31
C GLY A 252 7.74 -3.38 -19.07
N TYR A 253 7.45 -2.53 -18.10
CA TYR A 253 6.10 -2.10 -17.77
C TYR A 253 5.14 -3.27 -17.44
N ASN A 254 5.66 -4.37 -16.91
CA ASN A 254 4.80 -5.52 -16.60
C ASN A 254 3.68 -5.11 -15.64
N ARG A 255 2.44 -5.45 -16.00
CA ARG A 255 1.28 -5.04 -15.22
C ARG A 255 0.89 -5.95 -14.06
N PHE A 256 1.30 -7.21 -14.11
CA PHE A 256 0.88 -8.18 -13.10
C PHE A 256 1.98 -8.99 -12.41
N LEU A 257 3.22 -8.89 -12.86
CA LEU A 257 4.28 -9.65 -12.24
C LEU A 257 5.33 -8.72 -11.66
N PRO A 258 5.94 -9.13 -10.53
CA PRO A 258 6.88 -8.28 -9.76
C PRO A 258 8.32 -8.18 -10.28
N ASP A 259 8.68 -9.02 -11.24
CA ASP A 259 10.06 -9.10 -11.72
C ASP A 259 10.63 -7.81 -12.29
N ASP A 260 9.86 -7.08 -13.10
CA ASP A 260 10.28 -5.75 -13.64
C ASP A 260 10.64 -4.78 -12.52
N TYR A 261 9.80 -4.68 -11.49
CA TYR A 261 10.14 -3.80 -10.37
C TYR A 261 11.39 -4.24 -9.62
N LYS A 262 11.61 -5.54 -9.57
CA LYS A 262 12.82 -6.04 -8.93
C LYS A 262 14.06 -5.52 -9.69
N ASN A 263 13.97 -5.38 -11.00
CA ASN A 263 15.08 -4.82 -11.78
C ASN A 263 15.21 -3.32 -11.51
N VAL A 264 14.11 -2.62 -11.26
CA VAL A 264 14.16 -1.18 -10.95
C VAL A 264 14.95 -1.01 -9.63
N VAL A 265 14.62 -1.84 -8.63
CA VAL A 265 15.30 -1.79 -7.34
C VAL A 265 16.80 -2.04 -7.49
N LYS A 266 17.15 -3.05 -8.27
CA LYS A 266 18.54 -3.45 -8.44
C LYS A 266 19.39 -2.46 -9.24
N ASN A 267 18.82 -1.93 -10.31
CA ASN A 267 19.54 -1.14 -11.30
C ASN A 267 19.21 0.29 -11.61
N ALA A 268 17.99 0.75 -11.37
CA ALA A 268 17.60 2.09 -11.83
C ALA A 268 18.51 3.20 -11.31
N GLU A 269 18.65 3.29 -9.99
CA GLU A 269 19.49 4.31 -9.42
C GLU A 269 20.92 4.18 -9.93
N ARG A 270 21.46 2.96 -9.90
CA ARG A 270 22.82 2.71 -10.38
CA ARG A 270 22.81 2.66 -10.39
C ARG A 270 23.01 3.22 -11.80
N VAL A 271 22.12 2.81 -12.70
CA VAL A 271 22.19 3.22 -14.10
C VAL A 271 22.15 4.76 -14.23
N TYR A 272 21.32 5.41 -13.43
CA TYR A 272 21.26 6.87 -13.46
C TYR A 272 22.52 7.54 -12.88
N ARG A 273 22.93 7.13 -11.69
CA ARG A 273 24.06 7.78 -11.04
C ARG A 273 25.40 7.51 -11.71
N GLU A 274 25.41 6.57 -12.66
CA GLU A 274 26.61 6.23 -13.41
C GLU A 274 26.96 7.44 -14.31
N ARG A 275 25.92 8.17 -14.73
CA ARG A 275 26.13 9.30 -15.64
C ARG A 275 24.90 10.22 -15.70
N PRO A 276 24.61 10.92 -14.60
CA PRO A 276 23.41 11.73 -14.51
C PRO A 276 23.30 12.83 -15.56
N GLY A 277 24.42 13.45 -15.92
CA GLY A 277 24.45 14.46 -16.97
C GLY A 277 23.93 13.95 -18.30
N TYR A 278 24.30 12.72 -18.67
CA TYR A 278 23.84 12.12 -19.93
C TYR A 278 22.32 11.97 -19.95
N TRP A 279 21.77 11.51 -18.84
CA TRP A 279 20.31 11.31 -18.74
C TRP A 279 19.60 12.63 -18.73
N GLN A 280 20.15 13.57 -17.95
CA GLN A 280 19.60 14.91 -17.86
C GLN A 280 19.58 15.59 -19.21
N LYS A 281 20.62 15.36 -20.04
CA LYS A 281 20.68 16.01 -21.37
C LYS A 281 19.62 15.41 -22.31
N LEU A 282 19.41 14.10 -22.27
CA LEU A 282 18.34 13.48 -23.06
C LEU A 282 16.99 14.12 -22.74
N LEU A 283 16.71 14.28 -21.45
CA LEU A 283 15.45 14.90 -21.00
C LEU A 283 15.27 16.35 -21.50
N THR A 284 16.24 17.22 -21.16
CA THR A 284 16.16 18.64 -21.50
C THR A 284 16.18 18.89 -23.03
N ASP A 285 16.84 18.01 -23.79
CA ASP A 285 16.84 18.12 -25.24
C ASP A 285 15.46 17.86 -25.84
N LYS A 286 14.75 16.88 -25.29
CA LYS A 286 13.39 16.62 -25.73
C LYS A 286 12.43 17.78 -25.38
N ILE A 287 12.56 18.29 -24.15
CA ILE A 287 11.72 19.40 -23.70
C ILE A 287 11.91 20.62 -24.58
N GLU A 288 13.15 20.94 -24.90
CA GLU A 288 13.45 22.11 -25.75
C GLU A 288 12.90 21.87 -27.16
N LEU A 289 13.08 20.66 -27.68
CA LEU A 289 12.56 20.28 -29.01
C LEU A 289 11.03 20.43 -29.03
N ALA A 291 9.11 22.33 -27.13
CA ALA A 291 8.78 23.75 -27.07
C ALA A 291 8.94 24.39 -28.46
N SER A 292 9.96 23.97 -29.22
CA SER A 292 10.21 24.52 -30.55
C SER A 292 9.11 24.24 -31.53
N VAL A 293 8.64 23.00 -31.48
CA VAL A 293 7.59 22.54 -32.36
C VAL A 293 6.31 23.28 -32.01
N ALA A 294 6.07 23.43 -30.71
CA ALA A 294 4.86 24.12 -30.25
C ALA A 294 4.88 25.59 -30.64
N ARG A 295 6.07 26.20 -30.58
CA ARG A 295 6.19 27.62 -30.91
C ARG A 295 5.95 27.84 -32.40
N LYS A 296 6.46 26.94 -33.24
CA LYS A 296 6.26 27.00 -34.68
C LYS A 296 4.78 26.86 -35.02
N ASN A 297 4.12 25.89 -34.39
CA ASN A 297 2.71 25.61 -34.65
C ASN A 297 1.79 26.53 -33.90
N ARG A 298 2.37 27.35 -33.02
CA ARG A 298 1.63 28.31 -32.21
CA ARG A 298 1.61 28.31 -32.22
C ARG A 298 0.52 27.63 -31.38
N ARG A 299 0.91 26.64 -30.60
CA ARG A 299 -0.02 25.91 -29.74
C ARG A 299 0.51 25.84 -28.32
N PRO A 300 -0.39 25.95 -27.33
CA PRO A 300 0.05 25.86 -25.95
C PRO A 300 0.32 24.42 -25.57
N LEU A 301 1.21 24.23 -24.60
CA LEU A 301 1.56 22.91 -24.14
C LEU A 301 1.13 22.66 -22.72
N VAL A 302 0.73 21.42 -22.46
CA VAL A 302 0.48 20.95 -21.12
C VAL A 302 1.20 19.59 -21.01
N THR A 303 1.82 19.33 -19.86
CA THR A 303 2.43 18.02 -19.60
C THR A 303 1.99 17.62 -18.20
N THR A 304 1.33 16.45 -18.07
CA THR A 304 0.88 15.93 -16.77
C THR A 304 1.54 14.60 -16.43
N GLU A 305 2.31 14.03 -17.36
CA GLU A 305 3.01 12.78 -17.14
C GLU A 305 4.48 13.00 -17.53
N CYS A 306 5.34 12.96 -16.52
CA CYS A 306 6.69 13.41 -16.61
C CYS A 306 7.33 13.20 -15.23
N TRP A 307 8.64 13.45 -15.05
CA TRP A 307 9.59 13.80 -16.10
C TRP A 307 10.74 12.79 -16.14
N GLY A 308 10.82 11.91 -15.13
CA GLY A 308 11.96 10.97 -14.97
C GLY A 308 11.64 9.54 -15.34
N LEU A 309 11.06 8.81 -14.38
CA LEU A 309 10.66 7.43 -14.59
C LEU A 309 9.17 7.42 -14.84
N VAL A 310 8.73 6.49 -15.68
CA VAL A 310 7.31 6.38 -15.97
C VAL A 310 6.54 5.74 -14.76
N ASP A 311 7.06 4.63 -14.25
CA ASP A 311 6.44 3.88 -13.14
C ASP A 311 7.36 3.92 -11.91
N TYR A 312 6.79 4.22 -10.76
CA TYR A 312 7.53 4.25 -9.51
C TYR A 312 6.50 4.17 -8.44
N LYS A 313 6.92 3.81 -7.24
CA LYS A 313 5.98 3.70 -6.12
C LYS A 313 6.75 3.67 -4.82
N ASP A 314 6.03 3.90 -3.73
CA ASP A 314 6.58 3.71 -2.39
C ASP A 314 6.90 2.22 -2.24
N TRP A 315 8.12 1.87 -1.89
CA TRP A 315 8.51 0.47 -1.89
C TRP A 315 9.80 0.32 -1.12
N PRO A 316 10.04 -0.86 -0.53
CA PRO A 316 11.34 -1.04 0.05
C PRO A 316 12.46 -0.88 -0.99
N LEU A 317 13.49 -0.14 -0.60
CA LEU A 317 14.67 0.06 -1.40
C LEU A 317 14.48 0.95 -2.64
N LEU A 318 13.31 1.56 -2.81
CA LEU A 318 13.16 2.56 -3.86
C LEU A 318 13.30 3.97 -3.24
N LYS A 319 14.35 4.66 -3.61
CA LYS A 319 14.59 6.05 -3.13
C LYS A 319 13.99 7.04 -4.11
N TRP A 320 13.42 8.11 -3.57
CA TRP A 320 12.79 9.13 -4.39
C TRP A 320 13.71 10.28 -4.71
N ASP A 321 14.83 10.41 -4.02
CA ASP A 321 15.67 11.58 -4.24
C ASP A 321 16.13 11.86 -5.66
N TRP A 322 16.69 10.85 -6.33
CA TRP A 322 17.17 11.04 -7.69
C TRP A 322 16.04 11.23 -8.71
N VAL A 323 14.87 10.68 -8.41
CA VAL A 323 13.70 10.84 -9.24
C VAL A 323 13.20 12.29 -9.12
N LYS A 324 13.20 12.83 -7.90
CA LYS A 324 12.81 14.23 -7.65
C LYS A 324 13.78 15.20 -8.36
N ASP A 325 15.07 14.85 -8.36
CA ASP A 325 16.06 15.64 -9.06
C ASP A 325 15.70 15.79 -10.55
N LEU A 326 15.35 14.67 -11.18
CA LEU A 326 14.98 14.67 -12.60
C LEU A 326 13.67 15.42 -12.80
N CYS A 327 12.75 15.30 -11.83
CA CYS A 327 11.47 16.02 -11.95
C CYS A 327 11.65 17.53 -11.80
N GLU A 328 12.51 17.93 -10.88
CA GLU A 328 12.78 19.33 -10.66
C GLU A 328 13.40 19.92 -11.95
N LEU A 329 14.38 19.22 -12.50
CA LEU A 329 15.04 19.68 -13.72
C LEU A 329 14.05 19.82 -14.86
N GLY A 330 13.24 18.79 -15.06
CA GLY A 330 12.22 18.78 -16.10
C GLY A 330 11.29 19.96 -15.97
N THR A 331 10.78 20.16 -14.74
CA THR A 331 9.82 21.22 -14.47
C THR A 331 10.36 22.62 -14.79
N ILE A 332 11.53 22.93 -14.22
CA ILE A 332 12.20 24.21 -14.41
C ILE A 332 12.55 24.46 -15.89
N THR A 333 12.98 23.42 -16.59
CA THR A 333 13.33 23.51 -18.02
C THR A 333 12.10 23.83 -18.87
N ALA A 334 11.02 23.10 -18.62
CA ALA A 334 9.76 23.32 -19.36
C ALA A 334 9.20 24.73 -19.08
N ALA A 335 9.15 25.09 -17.80
CA ALA A 335 8.59 26.36 -17.40
C ALA A 335 9.34 27.54 -18.04
N ARG A 336 10.65 27.42 -18.20
CA ARG A 336 11.43 28.52 -18.72
CA ARG A 336 11.46 28.50 -18.74
C ARG A 336 11.20 28.79 -20.22
N THR A 337 10.75 27.80 -20.99
CA THR A 337 10.53 27.99 -22.44
C THR A 337 9.40 28.93 -22.82
N GLY A 338 8.43 29.10 -21.94
CA GLY A 338 7.27 29.96 -22.20
C GLY A 338 6.15 29.29 -22.99
N TRP A 340 4.62 26.32 -22.11
CA TRP A 340 3.71 25.52 -21.29
C TRP A 340 2.72 26.38 -20.51
N VAL A 341 1.44 26.05 -20.61
CA VAL A 341 0.37 26.73 -19.86
C VAL A 341 -0.07 25.90 -18.65
N GLY A 342 0.31 24.63 -18.65
CA GLY A 342 0.06 23.70 -17.57
C GLY A 342 1.27 22.80 -17.39
N VAL A 343 1.91 22.87 -16.22
CA VAL A 343 3.10 22.08 -15.97
C VAL A 343 2.95 21.26 -14.69
N ALA A 344 3.23 19.94 -14.75
CA ALA A 344 3.24 19.05 -13.61
C ALA A 344 4.70 18.86 -13.21
N THR A 345 4.93 18.57 -11.94
CA THR A 345 6.27 18.29 -11.42
C THR A 345 6.54 16.81 -11.61
N SER A 346 5.49 15.99 -11.58
CA SER A 346 5.60 14.55 -11.90
C SER A 346 4.26 13.86 -11.96
N ASN A 347 4.23 12.61 -12.48
CA ASN A 347 3.03 11.78 -12.44
C ASN A 347 2.88 10.98 -11.11
N PHE A 348 3.58 11.41 -10.04
CA PHE A 348 3.49 10.78 -8.72
C PHE A 348 3.03 11.83 -7.71
N CYS A 349 2.38 12.87 -8.24
CA CYS A 349 2.01 14.00 -7.47
C CYS A 349 0.61 13.83 -6.85
N GLY A 350 0.53 12.88 -5.93
CA GLY A 350 -0.70 12.55 -5.23
C GLY A 350 -0.43 11.86 -3.91
N PRO A 351 -1.47 11.77 -3.06
CA PRO A 351 -1.29 11.29 -1.69
C PRO A 351 -0.92 9.81 -1.52
N GLN A 352 -1.07 8.97 -2.54
CA GLN A 352 -0.62 7.60 -2.42
C GLN A 352 0.89 7.38 -2.69
N PHE A 353 1.60 8.43 -3.11
CA PHE A 353 3.05 8.36 -3.35
C PHE A 353 3.64 9.20 -2.23
N ALA A 354 3.66 8.61 -1.02
CA ALA A 354 4.10 9.31 0.17
C ALA A 354 5.49 9.94 0.00
N GLY A 355 6.35 9.21 -0.71
CA GLY A 355 7.73 9.64 -0.94
C GLY A 355 7.86 10.90 -1.77
N TRP A 357 4.85 13.00 -2.27
CA TRP A 357 3.92 13.98 -1.72
C TRP A 357 4.41 14.71 -0.48
N ARG A 358 5.28 14.07 0.29
CA ARG A 358 5.60 14.60 1.60
C ARG A 358 6.41 15.90 1.73
N ASP A 359 7.39 16.13 0.87
CA ASP A 359 8.31 17.32 1.01
C ASP A 359 7.57 18.60 0.49
N VAL A 360 6.79 19.23 1.36
CA VAL A 360 5.94 20.37 0.98
C VAL A 360 6.73 21.54 0.37
N GLU A 361 7.92 21.84 0.90
CA GLU A 361 8.75 22.94 0.39
C GLU A 361 9.29 22.68 -1.01
N TRP A 362 9.62 21.43 -1.34
CA TRP A 362 10.04 21.06 -2.69
C TRP A 362 8.95 21.38 -3.70
N HIS A 363 7.72 21.06 -3.32
CA HIS A 363 6.57 21.39 -4.20
C HIS A 363 6.38 22.88 -4.31
N LYS A 364 6.33 23.58 -3.18
CA LYS A 364 6.11 25.02 -3.16
C LYS A 364 7.15 25.79 -4.00
N ARG A 365 8.42 25.41 -3.94
CA ARG A 365 9.44 26.07 -4.78
C ARG A 365 9.12 25.90 -6.30
N LEU A 366 8.76 24.68 -6.70
CA LEU A 366 8.48 24.40 -8.12
C LEU A 366 7.18 24.98 -8.61
N THR A 367 6.13 24.89 -7.79
CA THR A 367 4.85 25.48 -8.20
C THR A 367 4.97 27.00 -8.25
N SER A 368 5.80 27.58 -7.38
CA SER A 368 6.03 29.03 -7.44
CA SER A 368 6.00 29.02 -7.46
C SER A 368 6.67 29.38 -8.80
N ILE A 369 7.67 28.60 -9.21
CA ILE A 369 8.33 28.86 -10.49
C ILE A 369 7.35 28.73 -11.67
N ILE A 370 6.53 27.67 -11.64
CA ILE A 370 5.59 27.39 -12.71
C ILE A 370 4.60 28.54 -12.84
N ARG A 371 3.99 28.91 -11.72
CA ARG A 371 2.94 29.92 -11.74
C ARG A 371 3.40 31.36 -11.98
N SER A 372 4.69 31.61 -11.91
CA SER A 372 5.25 32.92 -12.17
C SER A 372 6.05 32.90 -13.49
N SER A 373 6.00 31.82 -14.27
CA SER A 373 6.68 31.80 -15.55
C SER A 373 5.86 32.57 -16.61
N PRO A 374 6.48 33.55 -17.30
CA PRO A 374 5.78 34.23 -18.38
C PRO A 374 5.55 33.34 -19.59
N LEU A 375 4.44 33.55 -20.29
CA LEU A 375 4.08 32.81 -21.51
C LEU A 375 4.69 33.44 -22.76
N ASP A 376 4.99 32.62 -23.76
CA ASP A 376 5.58 33.09 -25.03
C ASP A 376 4.57 33.96 -25.80
N GLU A 377 5.05 34.96 -26.51
CA GLU A 377 4.18 35.85 -27.30
C GLU A 377 3.51 35.12 -28.46
N SER A 378 4.06 33.98 -28.87
CA SER A 378 3.39 33.17 -29.87
C SER A 378 2.01 32.68 -29.36
N LEU A 379 1.83 32.66 -28.05
CA LEU A 379 0.55 32.26 -27.42
C LEU A 379 -0.31 33.44 -26.99
N THR A 380 0.31 34.50 -26.51
CA THR A 380 -0.45 35.61 -25.93
C THR A 380 -0.82 36.70 -26.93
N LYS A 381 -0.16 36.76 -28.08
CA LYS A 381 -0.51 37.78 -29.08
C LYS A 381 -0.91 37.17 -30.42
N ASN A 382 -2.03 37.65 -30.96
CA ASN A 382 -2.59 37.21 -32.23
C ASN A 382 -2.64 35.69 -32.31
N ASN A 383 -3.33 35.10 -31.34
CA ASN A 383 -3.49 33.65 -31.33
C ASN A 383 -4.87 33.36 -30.72
N GLU A 384 -5.89 33.32 -31.58
CA GLU A 384 -7.24 33.01 -31.16
C GLU A 384 -7.36 31.55 -30.68
N VAL A 385 -6.66 30.59 -31.29
CA VAL A 385 -6.78 29.21 -30.84
C VAL A 385 -6.28 29.12 -29.37
N ALA A 386 -5.08 29.65 -29.11
CA ALA A 386 -4.50 29.62 -27.77
C ALA A 386 -5.35 30.39 -26.78
N ALA A 387 -6.00 31.47 -27.23
CA ALA A 387 -6.83 32.28 -26.35
C ALA A 387 -7.95 31.47 -25.73
N LYS A 388 -8.38 30.37 -26.38
CA LYS A 388 -9.46 29.55 -25.81
C LYS A 388 -9.04 28.96 -24.47
N LEU A 389 -7.79 28.47 -24.40
CA LEU A 389 -7.24 27.95 -23.15
C LEU A 389 -6.79 29.06 -22.20
N LEU A 390 -6.11 30.08 -22.74
CA LEU A 390 -5.62 31.18 -21.89
C LEU A 390 -6.68 31.90 -21.10
N LYS A 391 -7.86 32.08 -21.70
CA LYS A 391 -8.94 32.73 -20.97
C LYS A 391 -9.44 31.90 -19.79
N ARG A 392 -9.15 30.60 -19.76
CA ARG A 392 -9.60 29.70 -18.69
C ARG A 392 -8.55 29.53 -17.54
N LEU A 393 -7.32 29.97 -17.79
CA LEU A 393 -6.27 29.85 -16.79
C LEU A 393 -6.55 30.80 -15.61
N GLU B 13 -4.83 -6.34 42.79
CA GLU B 13 -5.58 -6.51 41.52
C GLU B 13 -4.64 -6.49 40.31
N ILE B 14 -4.17 -7.67 39.89
CA ILE B 14 -3.29 -7.81 38.72
C ILE B 14 -4.13 -7.74 37.47
N SER B 15 -3.77 -6.89 36.53
CA SER B 15 -4.55 -6.74 35.31
C SER B 15 -3.87 -7.30 34.08
N PRO B 16 -4.68 -7.89 33.19
CA PRO B 16 -4.14 -8.37 31.94
C PRO B 16 -3.72 -7.19 31.12
N ARG B 17 -2.77 -7.42 30.25
CA ARG B 17 -2.31 -6.42 29.30
C ARG B 17 -3.04 -6.55 27.97
N ALA B 18 -3.26 -5.42 27.31
CA ALA B 18 -3.88 -5.39 25.99
C ALA B 18 -2.67 -5.38 25.04
N ILE B 19 -2.50 -6.44 24.29
CA ILE B 19 -1.32 -6.59 23.45
C ILE B 19 -1.57 -6.50 21.92
N THR B 20 -0.56 -6.09 21.15
CA THR B 20 -0.62 -6.11 19.72
C THR B 20 0.65 -6.74 19.11
N TRP B 22 3.35 -6.65 16.31
CA TRP B 22 3.98 -5.76 15.34
C TRP B 22 5.08 -6.54 14.65
N ASP B 23 5.12 -7.86 14.94
CA ASP B 23 5.91 -8.81 14.19
C ASP B 23 7.28 -8.32 13.70
N PHE B 24 7.53 -8.37 12.40
CA PHE B 24 8.77 -7.88 11.81
C PHE B 24 8.54 -6.53 11.08
N SER B 25 7.30 -6.05 11.14
CA SER B 25 6.94 -4.79 10.51
C SER B 25 7.51 -3.55 11.23
N TRP B 26 7.76 -3.64 12.54
CA TRP B 26 8.25 -2.49 13.31
C TRP B 26 9.57 -2.05 12.71
N LEU B 27 10.36 -3.02 12.25
CA LEU B 27 11.68 -2.74 11.68
C LEU B 27 11.72 -2.65 10.15
N GLU B 28 10.90 -3.43 9.50
CA GLU B 28 10.92 -3.47 8.05
C GLU B 28 10.06 -2.43 7.35
N ARG B 29 8.90 -2.13 7.90
CA ARG B 29 7.97 -1.24 7.20
C ARG B 29 8.31 0.22 7.49
N ARG B 30 9.44 0.67 6.97
CA ARG B 30 9.91 2.03 7.21
C ARG B 30 10.32 2.77 5.96
N TRP B 31 9.86 2.30 4.81
CA TRP B 31 9.92 3.06 3.55
C TRP B 31 8.74 4.07 3.59
N PRO B 32 8.71 5.04 2.65
CA PRO B 32 7.68 6.06 2.72
C PRO B 32 6.26 5.53 2.76
N GLY B 33 5.55 5.90 3.82
CA GLY B 33 4.18 5.51 4.01
C GLY B 33 3.93 4.08 4.45
N ALA B 34 4.98 3.29 4.72
CA ALA B 34 4.84 1.88 5.11
C ALA B 34 4.16 1.66 6.47
N GLY B 35 4.16 2.68 7.34
CA GLY B 35 3.45 2.66 8.59
C GLY B 35 4.27 2.89 9.89
N TYR B 36 5.53 2.49 9.87
CA TYR B 36 6.37 2.45 11.07
C TYR B 36 7.61 3.31 10.97
N GLU B 37 7.60 4.29 10.08
CA GLU B 37 8.73 5.20 9.93
C GLU B 37 8.98 6.00 11.22
N ASP B 38 7.92 6.46 11.86
CA ASP B 38 8.03 7.28 13.08
C ASP B 38 7.51 6.47 14.28
N TRP B 39 8.43 5.83 14.98
CA TRP B 39 8.06 5.04 16.14
C TRP B 39 7.41 5.87 17.25
N ASP B 40 7.87 7.08 17.51
CA ASP B 40 7.20 7.86 18.56
C ASP B 40 5.73 8.07 18.25
N GLN B 41 5.45 8.50 17.03
CA GLN B 41 4.05 8.69 16.62
CA GLN B 41 4.12 8.87 16.56
C GLN B 41 3.18 7.40 16.72
N VAL B 42 3.65 6.27 16.22
CA VAL B 42 2.79 5.08 16.23
C VAL B 42 2.63 4.53 17.65
N LEU B 43 3.67 4.64 18.48
CA LEU B 43 3.55 4.22 19.88
C LEU B 43 2.53 5.12 20.59
N ASP B 44 2.58 6.43 20.31
CA ASP B 44 1.59 7.36 20.86
C ASP B 44 0.17 6.95 20.45
N GLU B 45 0.01 6.61 19.17
CA GLU B 45 -1.30 6.15 18.65
C GLU B 45 -1.68 4.81 19.32
N LEU B 46 -0.69 3.93 19.51
CA LEU B 46 -0.94 2.64 20.20
C LEU B 46 -1.53 2.85 21.62
N SER B 47 -0.97 3.80 22.36
CA SER B 47 -1.45 4.15 23.71
C SER B 47 -2.83 4.84 23.74
N GLU B 48 -3.04 5.76 22.79
CA GLU B 48 -4.34 6.39 22.63
C GLU B 48 -5.43 5.32 22.48
N ARG B 49 -5.11 4.24 21.76
CA ARG B 49 -6.06 3.12 21.57
C ARG B 49 -6.20 2.21 22.79
N GLY B 50 -5.31 2.36 23.78
CA GLY B 50 -5.37 1.60 25.03
C GLY B 50 -4.56 0.33 25.12
N TYR B 51 -3.70 0.07 24.15
CA TYR B 51 -2.83 -1.12 24.18
C TYR B 51 -1.63 -0.78 25.03
N ASN B 52 -1.11 -1.77 25.75
CA ASN B 52 0.06 -1.56 26.60
C ASN B 52 1.07 -2.70 26.54
N ALA B 53 1.00 -3.53 25.50
CA ALA B 53 1.99 -4.52 25.28
C ALA B 53 2.13 -4.70 23.78
N ILE B 54 3.32 -5.04 23.32
CA ILE B 54 3.53 -5.39 21.92
C ILE B 54 4.37 -6.64 21.82
N ARG B 55 4.07 -7.47 20.84
CA ARG B 55 4.86 -8.65 20.53
C ARG B 55 5.64 -8.36 19.25
N ILE B 56 6.97 -8.52 19.29
CA ILE B 56 7.80 -8.26 18.12
C ILE B 56 8.82 -9.32 17.82
N ASP B 57 9.29 -9.32 16.58
CA ASP B 57 10.38 -10.21 16.17
C ASP B 57 11.71 -9.53 16.61
N ALA B 58 12.51 -10.22 17.39
CA ALA B 58 13.79 -9.70 17.84
C ALA B 58 14.92 -10.04 16.86
N TYR B 59 14.64 -10.77 15.76
CA TYR B 59 15.69 -11.22 14.79
C TYR B 59 16.96 -11.78 15.50
N PRO B 60 16.77 -12.69 16.47
CA PRO B 60 17.91 -13.16 17.27
C PRO B 60 19.07 -13.77 16.48
N HIS B 61 18.75 -14.45 15.38
CA HIS B 61 19.72 -15.06 14.49
C HIS B 61 20.63 -14.04 13.82
N LEU B 62 20.08 -12.88 13.48
CA LEU B 62 20.86 -11.81 12.85
C LEU B 62 21.74 -11.12 13.90
N ILE B 63 21.16 -10.79 15.07
CA ILE B 63 21.92 -10.13 16.14
C ILE B 63 23.07 -10.99 16.63
N ALA B 64 22.84 -12.30 16.77
CA ALA B 64 23.86 -13.23 17.22
C ALA B 64 25.00 -13.36 16.19
N GLU B 65 24.71 -13.25 14.90
CA GLU B 65 25.75 -13.29 13.87
C GLU B 65 26.55 -11.99 13.74
N ASN B 66 25.84 -10.87 13.61
CA ASN B 66 26.46 -9.58 13.34
C ASN B 66 25.45 -8.47 13.66
N PRO B 67 25.45 -8.01 14.92
CA PRO B 67 24.48 -7.06 15.45
C PRO B 67 24.25 -5.82 14.60
N LYS B 69 25.22 -5.37 11.18
CA LYS B 69 25.23 -5.55 9.74
C LYS B 69 23.92 -5.11 9.10
N LYS B 70 24.03 -4.64 7.85
CA LYS B 70 22.90 -4.29 7.04
C LYS B 70 22.54 -5.57 6.25
N TRP B 71 21.54 -6.27 6.78
CA TRP B 71 21.09 -7.54 6.25
C TRP B 71 20.12 -7.37 5.10
N LEU B 72 20.36 -8.09 4.00
CA LEU B 72 19.48 -8.09 2.84
C LEU B 72 18.53 -9.27 3.02
N LEU B 73 17.25 -8.97 3.19
CA LEU B 73 16.19 -9.98 3.44
C LEU B 73 15.34 -10.26 2.22
N LYS B 74 15.02 -11.55 2.02
CA LYS B 74 14.15 -11.98 0.93
C LYS B 74 12.73 -11.94 1.44
N GLU B 75 11.77 -11.56 0.59
CA GLU B 75 10.39 -11.42 1.04
C GLU B 75 9.72 -12.76 1.32
N VAL B 76 8.84 -12.79 2.32
CA VAL B 76 8.03 -13.98 2.65
C VAL B 76 6.85 -14.06 1.67
N TRP B 77 6.34 -12.91 1.30
CA TRP B 77 5.16 -12.79 0.42
C TRP B 77 5.09 -11.44 -0.21
N ASN B 78 4.27 -11.31 -1.25
CA ASN B 78 3.92 -10.01 -1.79
C ASN B 78 2.38 -9.77 -1.71
N GLN B 79 1.65 -10.68 -1.07
CA GLN B 79 0.21 -10.59 -0.94
C GLN B 79 -0.29 -10.04 0.40
N GLN B 80 0.61 -9.95 1.39
CA GLN B 80 0.23 -9.51 2.72
C GLN B 80 0.94 -8.21 3.07
N ASP B 81 0.39 -7.47 4.03
CA ASP B 81 0.96 -6.18 4.43
C ASP B 81 1.74 -6.26 5.76
N TRP B 82 2.12 -7.46 6.19
CA TRP B 82 3.13 -7.58 7.28
C TRP B 82 4.50 -7.60 6.60
N GLY B 83 5.43 -6.83 7.16
CA GLY B 83 6.79 -6.86 6.63
C GLY B 83 6.92 -6.29 5.22
N SER B 84 7.87 -6.85 4.49
CA SER B 84 8.24 -6.37 3.17
C SER B 84 7.68 -7.20 2.03
N PRO B 85 7.12 -6.54 0.99
CA PRO B 85 6.58 -7.26 -0.18
C PRO B 85 7.64 -7.57 -1.24
N ASP B 86 8.90 -7.28 -0.91
CA ASP B 86 9.99 -7.47 -1.83
C ASP B 86 11.30 -7.38 -1.00
N ASN B 88 14.42 -6.29 1.03
CA ASN B 88 14.56 -5.14 1.93
C ASN B 88 15.83 -5.27 2.76
N GLU B 89 16.31 -4.16 3.30
CA GLU B 89 17.50 -4.17 4.15
C GLU B 89 17.17 -3.69 5.53
N VAL B 90 17.65 -4.38 6.55
CA VAL B 90 17.46 -3.95 7.93
C VAL B 90 18.77 -4.00 8.74
N GLN B 91 18.89 -3.10 9.72
CA GLN B 91 19.97 -3.13 10.70
C GLN B 91 19.24 -3.35 12.02
N VAL B 92 19.45 -4.51 12.63
CA VAL B 92 18.70 -4.86 13.84
C VAL B 92 19.11 -4.07 15.10
N GLN B 93 20.41 -3.96 15.36
CA GLN B 93 20.90 -3.12 16.48
C GLN B 93 21.64 -1.91 15.92
N PRO B 94 21.48 -0.75 16.56
CA PRO B 94 20.74 -0.48 17.80
C PRO B 94 19.22 -0.24 17.71
N ASN B 95 18.59 -0.51 16.57
CA ASN B 95 17.16 -0.28 16.44
C ASN B 95 16.32 -1.01 17.48
N LEU B 96 16.67 -2.25 17.79
CA LEU B 96 15.88 -3.02 18.75
C LEU B 96 15.88 -2.36 20.13
N ASN B 97 17.06 -2.07 20.68
CA ASN B 97 17.09 -1.41 21.98
C ASN B 97 16.41 -0.03 21.96
N LEU B 98 16.56 0.67 20.84
CA LEU B 98 15.95 1.99 20.69
C LEU B 98 14.43 1.83 20.81
N PHE B 99 13.89 0.86 20.06
CA PHE B 99 12.47 0.59 20.11
C PHE B 99 12.03 0.17 21.50
N LEU B 100 12.79 -0.72 22.13
CA LEU B 100 12.49 -1.19 23.49
C LEU B 100 12.50 -0.01 24.44
N SER B 101 13.41 0.94 24.22
CA SER B 101 13.49 2.13 25.07
CA SER B 101 13.48 2.11 25.10
C SER B 101 12.24 3.00 24.97
N LYS B 102 11.75 3.18 23.75
CA LYS B 102 10.54 3.96 23.54
C LYS B 102 9.36 3.29 24.24
N CYS B 103 9.38 1.96 24.28
CA CYS B 103 8.34 1.20 24.98
C CYS B 103 8.46 1.42 26.48
N LYS B 104 9.69 1.32 26.97
CA LYS B 104 9.98 1.53 28.39
C LYS B 104 9.54 2.92 28.88
N GLU B 105 9.74 3.96 28.09
CA GLU B 105 9.28 5.31 28.47
C GLU B 105 7.75 5.34 28.65
N ARG B 106 7.03 4.50 27.91
CA ARG B 106 5.57 4.52 27.94
C ARG B 106 4.91 3.39 28.76
N ASP B 107 5.69 2.73 29.60
CA ASP B 107 5.27 1.51 30.34
C ASP B 107 4.63 0.47 29.41
N ILE B 108 5.20 0.29 28.24
CA ILE B 108 4.71 -0.71 27.32
C ILE B 108 5.61 -1.94 27.47
N LYS B 109 5.01 -3.08 27.74
CA LYS B 109 5.77 -4.32 27.88
C LYS B 109 5.89 -4.98 26.51
N VAL B 110 6.96 -5.76 26.34
CA VAL B 110 7.29 -6.35 25.04
C VAL B 110 7.55 -7.85 25.06
N GLY B 111 6.74 -8.56 24.30
CA GLY B 111 6.90 -10.00 24.13
C GLY B 111 7.81 -10.21 22.94
N LEU B 112 8.91 -10.93 23.15
CA LEU B 112 9.81 -11.20 22.04
C LEU B 112 9.48 -12.55 21.42
N SER B 113 9.54 -12.59 20.10
CA SER B 113 9.36 -13.83 19.32
C SER B 113 10.31 -13.75 18.13
N SER B 114 10.20 -14.71 17.21
CA SER B 114 10.87 -14.60 15.93
C SER B 114 10.21 -15.44 14.82
N TRP B 115 10.29 -14.93 13.60
CA TRP B 115 9.84 -15.61 12.37
C TRP B 115 11.09 -16.05 11.57
N TYR B 116 12.29 -15.82 12.12
CA TYR B 116 13.58 -16.24 11.51
C TYR B 116 13.66 -15.83 10.04
N ARG B 117 13.52 -14.53 9.82
CA ARG B 117 13.56 -13.95 8.50
C ARG B 117 14.80 -14.37 7.73
N LEU B 118 14.60 -14.71 6.47
CA LEU B 118 15.66 -15.18 5.62
C LEU B 118 16.44 -14.08 4.92
N ASP B 119 17.66 -13.91 5.39
CA ASP B 119 18.61 -13.07 4.70
C ASP B 119 19.10 -13.88 3.47
N VAL B 120 19.85 -13.25 2.59
CA VAL B 120 20.32 -13.91 1.40
C VAL B 120 21.24 -15.10 1.69
N ASP B 121 21.93 -15.11 2.84
CA ASP B 121 22.76 -16.26 3.23
C ASP B 121 22.05 -17.24 4.17
N GLU B 122 20.80 -17.01 4.47
CA GLU B 122 20.00 -17.91 5.31
C GLU B 122 20.75 -18.38 6.58
N VAL B 123 21.21 -17.42 7.38
CA VAL B 123 22.00 -17.77 8.57
C VAL B 123 21.21 -18.48 9.66
N CYS B 124 19.89 -18.40 9.65
CA CYS B 124 19.11 -19.12 10.66
C CYS B 124 19.21 -20.63 10.48
N LEU B 125 19.68 -21.12 9.34
CA LEU B 125 19.84 -22.56 9.13
C LEU B 125 20.92 -23.13 10.02
N LYS B 126 21.81 -22.29 10.53
CA LYS B 126 22.89 -22.74 11.39
C LYS B 126 22.43 -23.16 12.79
N LEU B 127 21.20 -22.78 13.17
CA LEU B 127 20.67 -23.03 14.50
C LEU B 127 20.04 -24.42 14.51
N ASP B 128 20.83 -25.41 14.14
CA ASP B 128 20.28 -26.74 13.94
C ASP B 128 20.27 -27.68 15.16
N THR B 129 20.46 -27.14 16.37
CA THR B 129 20.33 -27.92 17.61
C THR B 129 19.62 -27.01 18.60
N PRO B 130 18.84 -27.60 19.53
CA PRO B 130 18.20 -26.77 20.53
C PRO B 130 19.21 -25.98 21.39
N GLU B 131 20.44 -26.52 21.52
CA GLU B 131 21.53 -25.84 22.28
C GLU B 131 21.96 -24.57 21.55
N LYS B 132 22.15 -24.67 20.23
CA LYS B 132 22.56 -23.52 19.40
C LYS B 132 21.50 -22.43 19.41
N LEU B 133 20.24 -22.84 19.38
CA LEU B 133 19.11 -21.88 19.37
C LEU B 133 19.00 -21.15 20.70
N ALA B 134 19.12 -21.87 21.81
CA ALA B 134 19.03 -21.29 23.15
C ALA B 134 20.16 -20.29 23.34
N ASP B 135 21.36 -20.66 22.87
CA ASP B 135 22.55 -19.80 22.92
C ASP B 135 22.38 -18.50 22.14
N CYS B 136 21.73 -18.62 20.99
CA CYS B 136 21.44 -17.49 20.15
C CYS B 136 20.58 -16.49 20.92
N TRP B 137 19.51 -16.99 21.55
CA TRP B 137 18.63 -16.16 22.37
C TRP B 137 19.34 -15.63 23.64
N LEU B 138 20.13 -16.47 24.28
CA LEU B 138 20.89 -16.02 25.44
C LEU B 138 21.75 -14.79 25.11
N THR B 139 22.45 -14.83 23.97
CA THR B 139 23.26 -13.68 23.50
C THR B 139 22.40 -12.41 23.48
N ILE B 140 21.28 -12.49 22.80
CA ILE B 140 20.35 -11.37 22.64
C ILE B 140 19.90 -10.77 23.97
N LEU B 141 19.49 -11.65 24.88
CA LEU B 141 18.99 -11.20 26.16
C LEU B 141 20.10 -10.56 26.99
N ARG B 142 21.33 -11.07 26.88
CA ARG B 142 22.46 -10.49 27.63
C ARG B 142 22.47 -8.99 27.34
N SER B 143 22.41 -8.64 26.06
CA SER B 143 22.36 -7.23 25.65
C SER B 143 21.22 -6.41 26.25
N ILE B 144 20.00 -6.93 26.17
CA ILE B 144 18.83 -6.23 26.69
C ILE B 144 18.93 -5.99 28.22
N GLU B 145 19.45 -6.99 28.94
CA GLU B 145 19.67 -6.85 30.38
C GLU B 145 20.73 -5.76 30.57
N GLU B 146 21.81 -5.86 29.81
CA GLU B 146 22.94 -4.93 29.91
C GLU B 146 22.70 -3.48 29.51
N ASP B 147 21.59 -3.19 28.82
CA ASP B 147 21.23 -1.81 28.49
CA ASP B 147 21.22 -1.82 28.47
C ASP B 147 20.02 -1.39 29.34
N GLY B 148 19.74 -2.18 30.37
CA GLY B 148 18.66 -1.91 31.33
C GLY B 148 17.23 -2.12 30.88
N LEU B 149 17.04 -2.97 29.88
CA LEU B 149 15.72 -3.12 29.28
C LEU B 149 15.00 -4.45 29.57
N LEU B 150 15.62 -5.31 30.35
CA LEU B 150 15.07 -6.65 30.55
C LEU B 150 13.72 -6.66 31.24
N ASP B 151 13.50 -5.70 32.13
CA ASP B 151 12.20 -5.59 32.78
C ASP B 151 11.10 -5.17 31.81
N THR B 152 11.47 -4.59 30.66
CA THR B 152 10.47 -4.25 29.62
C THR B 152 10.01 -5.52 28.84
N ILE B 153 10.76 -6.63 28.93
CA ILE B 153 10.46 -7.88 28.22
C ILE B 153 9.45 -8.66 29.04
N LEU B 154 8.31 -8.95 28.44
CA LEU B 154 7.21 -9.62 29.12
C LEU B 154 7.39 -11.14 29.12
N TYR B 155 7.81 -11.66 27.97
CA TYR B 155 8.04 -13.07 27.82
C TYR B 155 8.94 -13.29 26.63
N VAL B 156 9.49 -14.49 26.51
CA VAL B 156 10.36 -14.82 25.37
C VAL B 156 9.90 -16.14 24.73
N ASP B 157 9.46 -16.03 23.46
CA ASP B 157 8.93 -17.12 22.62
C ASP B 157 10.03 -17.45 21.63
N LEU B 158 10.54 -18.69 21.67
CA LEU B 158 11.68 -19.04 20.82
CA LEU B 158 11.67 -19.04 20.82
C LEU B 158 11.34 -19.22 19.33
N CYS B 159 10.07 -19.35 18.99
CA CYS B 159 9.68 -19.44 17.57
C CYS B 159 8.20 -19.30 17.34
N ASN B 160 7.83 -18.35 16.49
CA ASN B 160 6.48 -18.17 16.05
C ASN B 160 5.94 -19.45 15.42
N GLU B 161 4.75 -19.87 15.82
CA GLU B 161 4.06 -21.03 15.20
C GLU B 161 4.94 -22.25 14.96
N TRP B 162 5.67 -22.62 16.01
CA TRP B 162 6.50 -23.81 16.03
C TRP B 162 5.64 -25.05 15.79
N PRO B 163 6.15 -26.03 15.04
CA PRO B 163 7.39 -26.15 14.35
C PRO B 163 7.24 -25.90 12.85
N GLY B 164 6.38 -24.96 12.45
CA GLY B 164 6.12 -24.63 11.05
C GLY B 164 7.40 -24.39 10.30
N ASP B 165 7.56 -25.07 9.17
CA ASP B 165 8.80 -24.94 8.42
C ASP B 165 9.11 -23.59 7.83
N SER B 166 8.10 -22.74 7.64
CA SER B 166 8.33 -21.39 7.15
C SER B 166 9.10 -20.61 8.16
N TRP B 167 8.92 -20.94 9.44
CA TRP B 167 9.54 -20.18 10.52
C TRP B 167 10.71 -20.94 11.13
N ALA B 168 10.68 -22.27 11.05
CA ALA B 168 11.72 -23.12 11.64
C ALA B 168 12.38 -24.06 10.65
N PRO B 169 12.92 -23.51 9.55
CA PRO B 169 13.63 -24.36 8.62
C PRO B 169 14.80 -25.11 9.25
N PHE B 170 15.43 -24.55 10.27
CA PHE B 170 16.53 -25.20 10.96
C PHE B 170 16.12 -26.49 11.68
N PHE B 171 14.87 -26.55 12.12
CA PHE B 171 14.29 -27.77 12.72
C PHE B 171 13.89 -28.74 11.63
N ALA B 172 13.19 -28.20 10.64
CA ALA B 172 12.69 -28.97 9.50
C ALA B 172 13.77 -29.74 8.80
N LYS B 173 14.96 -29.16 8.69
CA LYS B 173 16.09 -29.85 8.08
C LYS B 173 16.30 -31.20 8.70
N THR B 174 16.32 -31.29 10.03
CA THR B 174 16.58 -32.54 10.73
C THR B 174 15.37 -33.45 10.84
N TYR B 175 14.20 -32.83 10.98
CA TYR B 175 12.96 -33.52 11.17
C TYR B 175 11.93 -33.12 10.13
N PRO B 176 12.14 -33.59 8.87
CA PRO B 176 11.26 -33.12 7.82
C PRO B 176 9.85 -33.67 7.82
N ASN B 177 9.54 -34.68 8.63
CA ASN B 177 8.20 -35.27 8.61
C ASN B 177 7.37 -34.98 9.86
N VAL B 178 7.79 -34.00 10.64
CA VAL B 178 7.06 -33.61 11.83
C VAL B 178 5.77 -32.95 11.36
N GLY B 179 5.87 -32.05 10.36
CA GLY B 179 4.70 -31.44 9.77
C GLY B 179 4.26 -30.15 10.43
N TRP B 180 3.53 -29.34 9.65
CA TRP B 180 3.10 -28.04 10.14
C TRP B 180 2.27 -28.18 11.39
N GLY B 181 2.51 -27.34 12.39
CA GLY B 181 1.76 -27.34 13.62
C GLY B 181 1.93 -28.50 14.60
N ASN B 182 2.68 -29.55 14.26
CA ASN B 182 2.77 -30.72 15.13
C ASN B 182 3.78 -30.63 16.24
N TRP B 183 3.59 -29.59 17.05
CA TRP B 183 4.48 -29.28 18.16
C TRP B 183 4.56 -30.35 19.20
N TYR B 184 3.49 -31.14 19.29
CA TYR B 184 3.32 -32.18 20.33
C TYR B 184 4.06 -33.46 20.06
N LYS B 185 4.59 -33.62 18.85
CA LYS B 185 5.37 -34.80 18.52
C LYS B 185 6.65 -34.86 19.34
N GLU B 186 7.11 -36.05 19.62
CA GLU B 186 8.28 -36.24 20.51
C GLU B 186 9.53 -35.48 20.07
N GLU B 187 9.80 -35.44 18.76
CA GLU B 187 10.97 -34.76 18.21
C GLU B 187 10.94 -33.27 18.64
N SER B 188 9.76 -32.68 18.57
CA SER B 188 9.52 -31.28 18.96
C SER B 188 9.59 -31.07 20.46
N LEU B 189 8.88 -31.90 21.21
CA LEU B 189 8.90 -31.76 22.67
C LEU B 189 10.33 -31.85 23.19
N ARG B 190 11.11 -32.81 22.69
CA ARG B 190 12.51 -32.96 23.13
C ARG B 190 13.37 -31.72 22.86
N TRP B 191 13.29 -31.22 21.63
CA TRP B 191 13.96 -29.99 21.24
C TRP B 191 13.56 -28.80 22.15
N LYS B 193 12.15 -28.73 25.16
CA LYS B 193 12.58 -28.95 26.53
C LYS B 193 14.07 -28.68 26.71
N THR B 194 14.90 -29.21 25.82
CA THR B 194 16.32 -29.00 25.93
C THR B 194 16.64 -27.51 25.86
N SER B 195 16.03 -26.81 24.92
CA SER B 195 16.31 -25.37 24.75
C SER B 195 15.88 -24.53 25.97
N LEU B 196 14.73 -24.85 26.54
CA LEU B 196 14.22 -24.05 27.63
C LEU B 196 15.00 -24.34 28.90
N GLU B 197 15.48 -25.59 29.05
CA GLU B 197 16.34 -25.93 30.19
C GLU B 197 17.59 -25.09 30.12
N LYS B 198 18.15 -24.96 28.92
CA LYS B 198 19.36 -24.17 28.72
C LYS B 198 19.14 -22.66 29.01
N ARG B 200 16.86 -21.40 31.12
CA ARG B 200 16.56 -21.22 32.52
C ARG B 200 17.78 -21.36 33.41
N GLN B 201 18.86 -21.91 32.87
CA GLN B 201 20.12 -21.92 33.56
C GLN B 201 20.59 -20.49 33.75
N VAL B 202 20.27 -19.60 32.81
CA VAL B 202 20.68 -18.20 32.96
C VAL B 202 19.53 -17.29 33.49
N TYR B 203 18.32 -17.46 32.97
CA TYR B 203 17.17 -16.62 33.37
C TYR B 203 16.04 -17.49 33.91
N PRO B 204 16.21 -18.06 35.12
CA PRO B 204 15.14 -18.93 35.62
C PRO B 204 13.78 -18.25 35.86
N ASP B 205 13.77 -16.93 36.15
CA ASP B 205 12.52 -16.18 36.36
C ASP B 205 11.82 -15.64 35.08
N PRO B 207 9.58 -15.71 31.81
CA PRO B 207 8.63 -16.64 31.14
C PRO B 207 9.11 -17.03 29.73
N PHE B 208 9.26 -18.33 29.48
CA PHE B 208 9.70 -18.84 28.19
C PHE B 208 8.69 -19.77 27.59
N LEU B 209 8.60 -19.79 26.26
CA LEU B 209 7.65 -20.64 25.58
C LEU B 209 8.02 -20.80 24.10
N TYR B 210 7.14 -21.52 23.39
CA TYR B 210 7.12 -21.56 21.95
C TYR B 210 5.61 -21.31 21.68
N SER B 211 5.31 -20.55 20.62
CA SER B 211 3.91 -20.24 20.26
C SER B 211 3.41 -21.23 19.24
N PHE B 212 2.13 -21.58 19.36
CA PHE B 212 1.52 -22.59 18.47
C PHE B 212 0.24 -22.06 17.81
N ASP B 213 -0.07 -22.62 16.64
CA ASP B 213 -1.32 -22.35 15.93
C ASP B 213 -2.11 -23.64 15.70
N HIS B 214 -1.64 -24.75 16.21
CA HIS B 214 -2.35 -26.03 15.94
C HIS B 214 -3.74 -26.07 16.63
N GLY B 215 -4.74 -26.45 15.86
CA GLY B 215 -6.14 -26.46 16.31
C GLY B 215 -6.50 -27.39 17.42
N ASP B 216 -5.76 -28.50 17.55
CA ASP B 216 -6.04 -29.51 18.59
C ASP B 216 -5.48 -29.06 19.95
N VAL B 217 -6.18 -28.14 20.61
CA VAL B 217 -5.74 -27.58 21.89
C VAL B 217 -5.75 -28.61 23.04
N LYS B 218 -6.46 -29.73 22.89
CA LYS B 218 -6.41 -30.82 23.90
C LYS B 218 -5.03 -31.50 23.98
N LYS B 219 -4.20 -31.33 22.95
CA LYS B 219 -2.83 -31.84 22.97
C LYS B 219 -2.06 -31.28 24.15
N TYR B 220 -2.34 -30.06 24.59
CA TYR B 220 -1.67 -29.55 25.79
C TYR B 220 -1.95 -30.44 27.01
N GLU B 221 -3.11 -31.06 27.08
CA GLU B 221 -3.43 -31.95 28.21
C GLU B 221 -2.89 -33.36 27.96
N GLU B 222 -2.63 -33.73 26.71
CA GLU B 222 -2.22 -35.11 26.35
C GLU B 222 -0.73 -35.44 26.29
N VAL B 223 0.09 -34.40 26.29
CA VAL B 223 1.53 -34.49 26.18
CA VAL B 223 1.53 -34.55 26.23
C VAL B 223 2.15 -33.75 27.36
N ASP B 224 3.36 -34.13 27.78
CA ASP B 224 4.04 -33.38 28.87
C ASP B 224 4.73 -32.12 28.29
N CYS B 225 4.13 -30.97 28.55
CA CYS B 225 4.68 -29.69 28.11
C CYS B 225 4.65 -28.71 29.27
N SER B 226 4.88 -29.23 30.48
CA SER B 226 4.94 -28.42 31.70
C SER B 226 6.09 -27.44 31.66
N PHE B 227 7.07 -27.71 30.80
CA PHE B 227 8.22 -26.81 30.61
C PHE B 227 7.88 -25.49 29.89
N LEU B 228 6.62 -25.30 29.50
CA LEU B 228 6.16 -24.02 28.92
C LEU B 228 5.67 -23.18 30.10
N ASP B 229 6.15 -21.94 30.20
CA ASP B 229 5.71 -21.01 31.26
C ASP B 229 4.34 -20.38 30.98
N LEU B 230 3.96 -20.33 29.72
CA LEU B 230 2.67 -19.79 29.27
C LEU B 230 2.36 -20.34 27.90
N TYR B 231 1.11 -20.26 27.47
CA TYR B 231 0.77 -20.65 26.13
C TYR B 231 0.41 -19.40 25.31
N GLU B 232 1.02 -19.23 24.12
CA GLU B 232 0.65 -18.14 23.21
C GLU B 232 -0.01 -18.87 22.04
N HIS B 233 -1.34 -18.88 22.02
CA HIS B 233 -2.01 -19.67 21.02
C HIS B 233 -2.76 -18.80 20.02
N HIS B 234 -2.56 -19.10 18.73
CA HIS B 234 -3.19 -18.33 17.62
C HIS B 234 -4.53 -18.96 17.26
N ILE B 235 -5.58 -18.15 17.38
CA ILE B 235 -6.95 -18.60 17.20
C ILE B 235 -7.78 -17.74 16.24
N TRP B 236 -8.25 -18.37 15.15
CA TRP B 236 -9.10 -17.67 14.21
C TRP B 236 -10.32 -18.47 13.79
N ALA B 238 -11.66 -18.43 10.93
CA ALA B 238 -11.41 -18.96 9.58
C ALA B 238 -10.78 -20.36 9.52
N GLN B 239 -10.08 -20.72 10.58
CA GLN B 239 -9.39 -21.98 10.64
C GLN B 239 -10.16 -23.08 11.39
N GLN B 240 -11.24 -22.70 12.05
CA GLN B 240 -12.01 -23.68 12.86
C GLN B 240 -12.59 -24.79 12.00
N ASN B 241 -12.87 -25.91 12.63
CA ASN B 241 -13.42 -27.09 11.94
C ASN B 241 -12.66 -27.47 10.66
N GLY B 242 -11.35 -27.62 10.80
CA GLY B 242 -10.51 -28.00 9.69
C GLY B 242 -10.41 -26.95 8.62
N GLY B 243 -10.52 -25.67 8.98
CA GLY B 243 -10.47 -24.61 7.99
C GLY B 243 -11.69 -24.53 7.08
N GLU B 244 -12.85 -24.91 7.61
CA GLU B 244 -14.08 -24.92 6.88
C GLU B 244 -14.38 -23.62 6.14
N PHE B 245 -14.23 -22.50 6.84
CA PHE B 245 -14.54 -21.21 6.27
C PHE B 245 -13.72 -20.96 5.02
N TYR B 246 -12.41 -21.12 5.16
CA TYR B 246 -11.54 -20.91 4.02
C TYR B 246 -11.76 -21.92 2.89
N LYS B 247 -12.16 -23.13 3.19
CA LYS B 247 -12.45 -24.07 2.11
C LYS B 247 -13.66 -23.60 1.32
N LEU B 248 -14.69 -23.06 1.98
CA LEU B 248 -15.84 -22.56 1.28
C LEU B 248 -15.47 -21.29 0.50
N VAL B 249 -14.61 -20.46 1.07
CA VAL B 249 -14.25 -19.19 0.45
C VAL B 249 -13.32 -19.39 -0.74
N GLY B 250 -12.46 -20.39 -0.65
CA GLY B 250 -11.44 -20.63 -1.66
C GLY B 250 -10.15 -19.90 -1.33
N TYR B 251 -9.81 -19.82 -0.06
CA TYR B 251 -8.59 -19.13 0.37
C TYR B 251 -7.55 -20.14 0.82
N GLY B 252 -6.39 -20.10 0.16
CA GLY B 252 -5.32 -21.02 0.45
C GLY B 252 -4.00 -20.44 0.85
N TYR B 253 -3.99 -19.21 1.34
CA TYR B 253 -2.81 -18.58 1.89
C TYR B 253 -1.67 -18.38 0.87
N ASN B 254 -1.99 -18.23 -0.40
CA ASN B 254 -0.95 -18.03 -1.42
C ASN B 254 -0.12 -16.78 -1.09
N ARG B 255 1.20 -16.91 -1.13
CA ARG B 255 2.06 -15.81 -0.79
C ARG B 255 2.40 -14.90 -1.95
N PHE B 256 2.26 -15.41 -3.19
CA PHE B 256 2.71 -14.65 -4.37
C PHE B 256 1.70 -14.46 -5.47
N LEU B 257 0.53 -15.06 -5.35
CA LEU B 257 -0.46 -14.93 -6.40
C LEU B 257 -1.75 -14.28 -5.87
N PRO B 258 -2.41 -13.46 -6.71
CA PRO B 258 -3.55 -12.72 -6.23
C PRO B 258 -4.90 -13.40 -6.22
N ASP B 259 -4.98 -14.59 -6.75
CA ASP B 259 -6.24 -15.30 -6.94
C ASP B 259 -6.97 -15.62 -5.64
N ASP B 260 -6.20 -15.93 -4.59
CA ASP B 260 -6.75 -16.28 -3.29
C ASP B 260 -7.49 -15.08 -2.74
N TYR B 261 -6.86 -13.90 -2.78
CA TYR B 261 -7.58 -12.70 -2.35
C TYR B 261 -8.80 -12.36 -3.20
N LYS B 262 -8.75 -12.63 -4.51
CA LYS B 262 -9.93 -12.44 -5.35
C LYS B 262 -11.10 -13.29 -4.81
N ASN B 263 -10.77 -14.48 -4.30
CA ASN B 263 -11.81 -15.34 -3.69
C ASN B 263 -12.36 -14.78 -2.38
N VAL B 264 -11.49 -14.18 -1.58
CA VAL B 264 -11.94 -13.54 -0.37
C VAL B 264 -12.89 -12.40 -0.71
N VAL B 265 -12.49 -11.57 -1.66
CA VAL B 265 -13.35 -10.46 -2.07
C VAL B 265 -14.71 -10.99 -2.50
N LYS B 266 -14.68 -12.00 -3.34
CA LYS B 266 -15.89 -12.54 -3.89
C LYS B 266 -16.76 -13.27 -2.92
N ASN B 267 -16.18 -14.08 -2.04
CA ASN B 267 -16.94 -15.00 -1.21
C ASN B 267 -16.94 -14.88 0.27
N ALA B 268 -15.98 -14.18 0.85
CA ALA B 268 -15.82 -14.24 2.29
C ALA B 268 -16.97 -13.68 3.07
N GLU B 269 -17.40 -12.47 2.71
CA GLU B 269 -18.47 -11.84 3.44
C GLU B 269 -19.79 -12.58 3.26
N ARG B 270 -20.05 -13.07 2.05
CA ARG B 270 -21.24 -13.83 1.74
C ARG B 270 -21.24 -15.14 2.54
N VAL B 271 -20.14 -15.90 2.51
CA VAL B 271 -20.02 -17.15 3.26
C VAL B 271 -20.28 -16.89 4.77
N TYR B 272 -19.74 -15.77 5.29
CA TYR B 272 -19.97 -15.41 6.70
C TYR B 272 -21.43 -15.04 6.97
N ARG B 273 -21.97 -14.12 6.18
CA ARG B 273 -23.34 -13.66 6.46
C ARG B 273 -24.44 -14.70 6.23
N GLU B 274 -24.15 -15.77 5.48
CA GLU B 274 -25.13 -16.83 5.32
C GLU B 274 -25.51 -17.43 6.63
N ARG B 275 -24.57 -17.46 7.58
CA ARG B 275 -24.86 -18.06 8.88
C ARG B 275 -23.88 -17.60 9.94
N PRO B 276 -23.97 -16.32 10.31
CA PRO B 276 -23.06 -15.73 11.27
C PRO B 276 -22.98 -16.47 12.56
N GLY B 277 -24.13 -16.91 13.07
CA GLY B 277 -24.16 -17.65 14.34
C GLY B 277 -23.28 -18.89 14.33
N TYR B 278 -23.28 -19.61 13.20
CA TYR B 278 -22.50 -20.81 13.05
C TYR B 278 -21.00 -20.52 13.14
N TRP B 279 -20.55 -19.47 12.47
CA TRP B 279 -19.13 -19.09 12.48
C TRP B 279 -18.73 -18.55 13.84
N GLN B 280 -19.58 -17.73 14.43
CA GLN B 280 -19.30 -17.19 15.74
C GLN B 280 -19.19 -18.33 16.78
N LYS B 281 -20.09 -19.32 16.68
CA LYS B 281 -20.08 -20.44 17.65
C LYS B 281 -18.79 -21.27 17.53
N LEU B 282 -18.31 -21.47 16.30
CA LEU B 282 -17.04 -22.19 16.10
C LEU B 282 -15.92 -21.49 16.82
N LEU B 283 -15.92 -20.17 16.76
CA LEU B 283 -14.88 -19.37 17.42
C LEU B 283 -14.99 -19.42 18.92
N THR B 284 -16.15 -19.12 19.46
CA THR B 284 -16.32 -19.06 20.91
C THR B 284 -16.16 -20.44 21.56
N ASP B 285 -16.56 -21.50 20.85
CA ASP B 285 -16.34 -22.86 21.37
C ASP B 285 -14.84 -23.15 21.53
N LYS B 286 -14.02 -22.68 20.59
CA LYS B 286 -12.58 -22.92 20.67
C LYS B 286 -11.96 -22.09 21.79
N ILE B 287 -12.42 -20.84 21.93
CA ILE B 287 -11.93 -19.97 23.00
C ILE B 287 -12.25 -20.63 24.34
N GLU B 288 -13.47 -21.14 24.49
CA GLU B 288 -13.87 -21.76 25.76
C GLU B 288 -13.07 -23.04 26.02
N LEU B 289 -12.83 -23.84 24.98
CA LEU B 289 -12.05 -25.09 25.13
C LEU B 289 -10.59 -24.80 25.49
N ALA B 291 -9.51 -22.19 27.04
CA ALA B 291 -9.54 -21.76 28.45
C ALA B 291 -9.60 -22.95 29.43
N SER B 292 -10.42 -23.94 29.12
CA SER B 292 -10.52 -25.17 29.93
C SER B 292 -9.20 -25.88 30.06
N VAL B 293 -8.52 -26.01 28.94
CA VAL B 293 -7.21 -26.66 28.93
C VAL B 293 -6.19 -25.90 29.79
N ALA B 294 -6.14 -24.59 29.62
CA ALA B 294 -5.21 -23.74 30.37
C ALA B 294 -5.50 -23.84 31.86
N ARG B 295 -6.77 -23.80 32.23
CA ARG B 295 -7.17 -23.88 33.62
C ARG B 295 -6.73 -25.23 34.21
N LYS B 296 -7.03 -26.33 33.52
CA LYS B 296 -6.66 -27.68 34.00
C LYS B 296 -5.13 -27.77 34.15
N ASN B 297 -4.37 -27.29 33.16
CA ASN B 297 -2.89 -27.27 33.23
C ASN B 297 -2.30 -26.12 34.06
N ARG B 298 -3.17 -25.25 34.55
CA ARG B 298 -2.76 -24.11 35.36
CA ARG B 298 -2.75 -24.12 35.39
C ARG B 298 -1.66 -23.29 34.68
N ARG B 299 -1.95 -22.83 33.46
CA ARG B 299 -1.00 -21.99 32.70
C ARG B 299 -1.73 -20.77 32.15
N PRO B 300 -1.06 -19.60 32.20
CA PRO B 300 -1.69 -18.39 31.64
C PRO B 300 -1.68 -18.37 30.09
N LEU B 301 -2.70 -17.76 29.48
CA LEU B 301 -2.83 -17.67 28.02
C LEU B 301 -2.51 -16.26 27.51
N VAL B 302 -1.94 -16.23 26.33
CA VAL B 302 -1.74 -15.01 25.56
C VAL B 302 -2.14 -15.35 24.13
N THR B 303 -2.92 -14.48 23.50
CA THR B 303 -3.21 -14.61 22.06
C THR B 303 -2.90 -13.27 21.39
N THR B 304 -1.99 -13.29 20.41
CA THR B 304 -1.63 -12.10 19.63
C THR B 304 -2.06 -12.20 18.17
N GLU B 305 -2.53 -13.39 17.74
CA GLU B 305 -2.95 -13.55 16.38
C GLU B 305 -4.31 -14.18 16.46
N CYS B 306 -5.30 -13.44 15.97
CA CYS B 306 -6.72 -13.74 16.14
C CYS B 306 -7.59 -12.62 15.53
N TRP B 307 -8.93 -12.68 15.56
CA TRP B 307 -9.79 -13.79 15.95
C TRP B 307 -10.69 -14.21 14.74
N GLY B 308 -10.73 -13.41 13.67
CA GLY B 308 -11.67 -13.67 12.54
C GLY B 308 -11.02 -14.33 11.36
N LEU B 309 -10.35 -13.52 10.54
CA LEU B 309 -9.63 -14.00 9.38
C LEU B 309 -8.15 -13.98 9.69
N VAL B 310 -7.41 -14.92 9.12
CA VAL B 310 -5.98 -15.01 9.32
C VAL B 310 -5.29 -13.86 8.53
N ASP B 311 -5.66 -13.72 7.27
CA ASP B 311 -5.10 -12.75 6.35
C ASP B 311 -6.16 -11.76 5.87
N TYR B 312 -5.84 -10.49 6.00
CA TYR B 312 -6.68 -9.40 5.54
C TYR B 312 -5.77 -8.19 5.32
N LYS B 313 -6.34 -7.18 4.64
CA LYS B 313 -5.59 -6.00 4.33
C LYS B 313 -6.53 -4.94 3.81
N ASP B 314 -6.02 -3.72 3.78
CA ASP B 314 -6.70 -2.61 3.13
C ASP B 314 -6.72 -2.90 1.62
N TRP B 315 -7.91 -2.85 1.03
CA TRP B 315 -8.03 -3.27 -0.36
C TRP B 315 -9.39 -2.89 -0.91
N PRO B 316 -9.48 -2.62 -2.22
CA PRO B 316 -10.82 -2.44 -2.78
C PRO B 316 -11.77 -3.63 -2.50
N LEU B 317 -12.98 -3.30 -2.05
CA LEU B 317 -14.05 -4.29 -1.80
C LEU B 317 -13.87 -5.22 -0.57
N LEU B 318 -12.83 -5.00 0.23
CA LEU B 318 -12.71 -5.72 1.50
C LEU B 318 -13.23 -4.81 2.63
N LYS B 319 -14.37 -5.18 3.21
CA LYS B 319 -14.91 -4.40 4.29
C LYS B 319 -14.36 -4.95 5.59
N TRP B 320 -14.13 -4.05 6.52
CA TRP B 320 -13.60 -4.44 7.81
C TRP B 320 -14.72 -4.62 8.86
N ASP B 321 -15.93 -4.13 8.60
CA ASP B 321 -16.96 -4.24 9.62
C ASP B 321 -17.24 -5.65 10.15
N TRP B 322 -17.46 -6.63 9.29
CA TRP B 322 -17.79 -7.97 9.77
C TRP B 322 -16.55 -8.61 10.43
N VAL B 323 -15.36 -8.25 9.98
CA VAL B 323 -14.14 -8.79 10.56
C VAL B 323 -14.00 -8.25 11.97
N LYS B 324 -14.22 -6.94 12.15
CA LYS B 324 -14.12 -6.33 13.49
C LYS B 324 -15.16 -6.93 14.43
N ASP B 325 -16.34 -7.26 13.93
CA ASP B 325 -17.39 -7.92 14.75
C ASP B 325 -16.90 -9.23 15.35
N LEU B 326 -16.19 -10.05 14.54
CA LEU B 326 -15.64 -11.32 15.02
C LEU B 326 -14.52 -11.06 16.01
N CYS B 327 -13.70 -10.05 15.71
CA CYS B 327 -12.61 -9.68 16.60
C CYS B 327 -13.12 -9.22 17.94
N GLU B 328 -14.20 -8.47 17.91
CA GLU B 328 -14.81 -7.99 19.10
C GLU B 328 -15.38 -9.16 19.92
N LEU B 329 -16.09 -10.08 19.28
CA LEU B 329 -16.65 -11.23 20.02
C LEU B 329 -15.53 -12.08 20.62
N GLY B 330 -14.52 -12.38 19.81
CA GLY B 330 -13.36 -13.13 20.28
C GLY B 330 -12.67 -12.54 21.51
N THR B 331 -12.36 -11.25 21.44
CA THR B 331 -11.72 -10.51 22.54
C THR B 331 -12.56 -10.61 23.82
N ILE B 332 -13.82 -10.25 23.70
CA ILE B 332 -14.73 -10.27 24.84
C ILE B 332 -14.91 -11.70 25.39
N THR B 333 -15.08 -12.69 24.52
CA THR B 333 -15.28 -14.05 24.96
C THR B 333 -14.06 -14.55 25.73
N ALA B 334 -12.86 -14.25 25.22
CA ALA B 334 -11.62 -14.68 25.87
C ALA B 334 -11.40 -13.93 27.17
N ALA B 335 -11.62 -12.62 27.13
CA ALA B 335 -11.48 -11.75 28.29
C ALA B 335 -12.30 -12.24 29.50
N ARG B 336 -13.50 -12.73 29.23
CA ARG B 336 -14.41 -13.22 30.27
C ARG B 336 -14.00 -14.52 30.94
N THR B 337 -13.11 -15.29 30.32
CA THR B 337 -12.69 -16.57 30.89
C THR B 337 -11.78 -16.42 32.13
N GLY B 338 -11.01 -15.33 32.18
CA GLY B 338 -10.06 -15.10 33.28
C GLY B 338 -8.75 -15.86 33.11
N TRP B 340 -6.68 -15.62 30.24
CA TRP B 340 -5.74 -14.81 29.46
C TRP B 340 -5.13 -13.65 30.23
N VAL B 341 -3.81 -13.50 30.16
CA VAL B 341 -3.09 -12.36 30.78
C VAL B 341 -2.65 -11.33 29.72
N GLY B 342 -2.80 -11.71 28.45
CA GLY B 342 -2.44 -10.87 27.30
C GLY B 342 -3.41 -11.14 26.18
N VAL B 343 -4.26 -10.15 25.91
CA VAL B 343 -5.27 -10.29 24.87
C VAL B 343 -5.09 -9.24 23.76
N ALA B 344 -5.09 -9.69 22.51
CA ALA B 344 -5.03 -8.85 21.32
C ALA B 344 -6.41 -8.79 20.75
N THR B 345 -6.72 -7.71 20.05
CA THR B 345 -7.99 -7.54 19.37
C THR B 345 -7.97 -8.19 17.99
N SER B 346 -6.82 -8.16 17.33
CA SER B 346 -6.63 -8.81 16.04
C SER B 346 -5.14 -8.80 15.68
N ASN B 347 -4.77 -9.56 14.64
CA ASN B 347 -3.41 -9.48 14.06
C ASN B 347 -3.29 -8.37 12.96
N PHE B 348 -4.23 -7.42 12.96
CA PHE B 348 -4.19 -6.26 12.04
C PHE B 348 -4.18 -4.99 12.87
N CYS B 349 -3.68 -5.08 14.10
CA CYS B 349 -3.74 -3.97 15.04
C CYS B 349 -2.44 -3.18 14.88
N GLY B 350 -2.32 -2.53 13.74
CA GLY B 350 -1.17 -1.79 13.40
C GLY B 350 -1.47 -0.76 12.33
N PRO B 351 -0.66 0.30 12.28
CA PRO B 351 -0.85 1.44 11.37
C PRO B 351 -0.94 1.17 9.88
N GLN B 352 -0.41 0.05 9.38
CA GLN B 352 -0.52 -0.24 7.95
C GLN B 352 -1.88 -0.84 7.58
N PHE B 353 -2.70 -1.18 8.57
CA PHE B 353 -4.04 -1.70 8.30
C PHE B 353 -4.96 -0.57 8.72
N ALA B 354 -5.09 0.45 7.85
CA ALA B 354 -5.91 1.65 8.17
C ALA B 354 -7.31 1.27 8.57
N GLY B 355 -7.86 0.27 7.89
CA GLY B 355 -9.24 -0.14 8.13
C GLY B 355 -9.51 -0.64 9.52
N TRP B 357 -6.97 0.08 12.14
CA TRP B 357 -6.36 1.04 13.05
C TRP B 357 -7.10 2.36 13.31
N ARG B 358 -7.89 2.85 12.37
CA ARG B 358 -8.45 4.19 12.54
C ARG B 358 -9.56 4.43 13.56
N ASP B 359 -10.37 3.43 13.87
CA ASP B 359 -11.53 3.65 14.79
C ASP B 359 -11.08 3.62 16.25
N VAL B 360 -10.65 4.77 16.77
CA VAL B 360 -10.08 4.80 18.11
C VAL B 360 -11.00 4.26 19.21
N GLU B 361 -12.26 4.66 19.19
CA GLU B 361 -13.20 4.25 20.24
C GLU B 361 -13.49 2.75 20.23
N TRP B 362 -13.41 2.11 19.06
CA TRP B 362 -13.61 0.66 18.98
C TRP B 362 -12.54 -0.01 19.81
N HIS B 363 -11.29 0.40 19.61
CA HIS B 363 -10.17 -0.12 20.36
C HIS B 363 -10.24 0.19 21.84
N LYS B 364 -10.53 1.45 22.17
CA LYS B 364 -10.59 1.90 23.56
C LYS B 364 -11.59 1.08 24.37
N ARG B 365 -12.75 0.83 23.77
CA ARG B 365 -13.79 0.01 24.40
CA ARG B 365 -13.79 0.06 24.42
C ARG B 365 -13.30 -1.39 24.72
N LEU B 366 -12.59 -2.00 23.76
CA LEU B 366 -12.08 -3.36 23.97
C LEU B 366 -10.85 -3.43 24.89
N THR B 367 -9.88 -2.54 24.70
CA THR B 367 -8.72 -2.55 25.57
C THR B 367 -9.08 -2.25 27.03
N SER B 368 -10.13 -1.44 27.27
CA SER B 368 -10.53 -1.24 28.65
C SER B 368 -11.20 -2.51 29.22
N ILE B 369 -11.91 -3.27 28.39
CA ILE B 369 -12.50 -4.56 28.81
C ILE B 369 -11.37 -5.54 29.16
N ILE B 370 -10.39 -5.63 28.26
CA ILE B 370 -9.22 -6.49 28.49
C ILE B 370 -8.51 -6.15 29.78
N ARG B 371 -8.33 -4.86 30.01
CA ARG B 371 -7.51 -4.41 31.13
C ARG B 371 -8.21 -4.40 32.49
N SER B 372 -9.55 -4.44 32.50
CA SER B 372 -10.32 -4.53 33.72
C SER B 372 -10.84 -5.96 33.95
N SER B 373 -10.35 -6.94 33.19
CA SER B 373 -10.81 -8.32 33.39
C SER B 373 -10.03 -9.02 34.49
N PRO B 374 -10.71 -9.68 35.43
CA PRO B 374 -9.98 -10.37 36.50
C PRO B 374 -9.35 -11.68 36.04
N LEU B 375 -8.24 -12.05 36.67
CA LEU B 375 -7.53 -13.29 36.37
C LEU B 375 -8.18 -14.44 37.16
N ASP B 376 -8.04 -15.65 36.64
CA ASP B 376 -8.61 -16.85 37.26
C ASP B 376 -7.77 -17.27 38.46
N GLU B 377 -8.43 -17.77 39.52
CA GLU B 377 -7.75 -18.27 40.72
C GLU B 377 -6.66 -19.30 40.42
N SER B 378 -6.88 -20.15 39.41
CA SER B 378 -5.91 -21.17 39.00
C SER B 378 -4.56 -20.55 38.60
N LEU B 379 -4.59 -19.25 38.33
CA LEU B 379 -3.43 -18.53 37.86
C LEU B 379 -2.83 -17.66 38.99
N THR B 380 -3.69 -17.00 39.77
CA THR B 380 -3.27 -16.07 40.83
C THR B 380 -2.96 -16.67 42.21
N LYS B 381 -3.40 -17.90 42.49
CA LYS B 381 -3.15 -18.53 43.80
C LYS B 381 -2.38 -19.83 43.62
N ASN B 382 -1.36 -20.04 44.45
CA ASN B 382 -0.51 -21.24 44.38
C ASN B 382 -0.04 -21.59 42.96
N ASN B 383 0.50 -20.61 42.26
CA ASN B 383 1.00 -20.88 40.92
C ASN B 383 2.36 -20.20 40.72
N GLU B 384 3.40 -20.96 41.02
CA GLU B 384 4.79 -20.52 40.94
C GLU B 384 5.17 -20.25 39.48
N VAL B 385 4.71 -21.08 38.54
CA VAL B 385 5.08 -20.90 37.15
C VAL B 385 4.34 -19.68 36.60
N ALA B 386 3.04 -19.58 36.85
CA ALA B 386 2.26 -18.45 36.36
C ALA B 386 2.69 -17.18 37.03
N ALA B 387 3.18 -17.29 38.26
CA ALA B 387 3.63 -16.10 38.96
C ALA B 387 4.78 -15.43 38.20
N LYS B 388 5.61 -16.18 37.46
CA LYS B 388 6.69 -15.48 36.76
C LYS B 388 6.20 -14.49 35.69
N LEU B 389 5.09 -14.78 35.04
CA LEU B 389 4.55 -13.83 34.07
C LEU B 389 3.67 -12.79 34.76
N LEU B 390 2.90 -13.22 35.76
CA LEU B 390 2.03 -12.29 36.49
C LEU B 390 2.79 -11.13 37.14
N LYS B 391 4.02 -11.38 37.62
CA LYS B 391 4.88 -10.36 38.25
C LYS B 391 5.40 -9.34 37.23
N ARG B 392 5.12 -9.56 35.94
CA ARG B 392 5.62 -8.68 34.87
C ARG B 392 4.53 -7.86 34.20
N LEU B 393 3.26 -8.15 34.51
CA LEU B 393 2.14 -7.42 33.93
C LEU B 393 2.06 -5.99 34.48
#